data_5J59
#
_entry.id   5J59
#
_cell.length_a   87.310
_cell.length_b   106.400
_cell.length_c   207.910
_cell.angle_alpha   90.00
_cell.angle_beta   90.00
_cell.angle_gamma   90.00
#
_symmetry.space_group_name_H-M   'P 21 21 21'
#
loop_
_entity.id
_entity.type
_entity.pdbx_description
1 polymer 'Methionyl-tRNA synthetase, putative'
2 non-polymer METHIONINE
3 non-polymer GLYCEROL
4 non-polymer 5-chloro-N-(2-{[(3,5-dichlorophenyl)methyl]amino}ethyl)-N-methyl-3H-imidazo[4,5-b]pyridin-2-amine
5 water water
#
_entity_poly.entity_id   1
_entity_poly.type   'polypeptide(L)'
_entity_poly.pdbx_seq_one_letter_code
;GPGSMKVEKVFFVTSPIYYVNAAPHIGHVYSTLITDVIGRYHRVKGERVFALTGTDEHGQKVAEAAKQKQVSPYDFTTAV
AGEFKKCFEQMDYSIDYFIRTTNEQHKAVVKELWTKLEQKGDIYLGRYEGWYSISDESFLTPQNITDGVDKDGNPCKVSL
ESGHVVTWVSEENYMFRLSAFRERLLEWYHANPGCIVPEFRRREVIRAVEKGLPDLSVSRARATLHNWAIPVPGNPDHCV
YVWLDALTNYLTGSRLRVDESGKEVSLVDDFNELERFPADVHVIGKDILKFHAIYWPAFLLSAGLPLPKKIVAHGWWTKD
RKKISKSLGNVFDPVEKAEEFGYDALKYFLLRESGFSDDGDYSDKNMIARLNGELADTLGNLVMRCTSAKINVNGEWPSP
AAYTEEDESLIQLIKDLPGTADHYYLIPDIQKAIIAVFDVLRAINAYVTDMAPWKLVKTDPERLRTVLYITLEGVRVTTL
LLSPILPRKSVVIFDMLGVPEVHRKGIENFEFGAVPPGTRLGPAVEGEVLFSKRSTENTKST
;
_entity_poly.pdbx_strand_id   A,B
#
# COMPACT_ATOMS: atom_id res chain seq x y z
N VAL A 7 -20.56 13.27 21.28
CA VAL A 7 -21.72 14.15 20.92
C VAL A 7 -22.36 13.65 19.60
N GLU A 8 -23.41 12.84 19.73
CA GLU A 8 -24.17 12.39 18.56
C GLU A 8 -25.01 13.56 18.04
N LYS A 9 -24.65 14.07 16.86
CA LYS A 9 -25.39 15.12 16.14
C LYS A 9 -25.61 14.78 14.67
N VAL A 10 -26.30 15.66 13.95
CA VAL A 10 -26.44 15.52 12.49
C VAL A 10 -25.15 16.02 11.85
N PHE A 11 -24.54 15.20 10.98
CA PHE A 11 -23.33 15.58 10.27
C PHE A 11 -23.69 16.64 9.25
N PHE A 12 -23.12 17.83 9.43
CA PHE A 12 -23.50 19.02 8.66
C PHE A 12 -22.32 19.38 7.76
N VAL A 13 -22.53 19.27 6.45
CA VAL A 13 -21.52 19.52 5.45
C VAL A 13 -22.06 20.53 4.45
N THR A 14 -21.24 21.49 4.05
CA THR A 14 -21.67 22.59 3.20
C THR A 14 -20.74 22.80 2.03
N SER A 15 -21.28 23.37 0.95
CA SER A 15 -20.49 23.93 -0.14
C SER A 15 -20.56 25.44 0.01
N PRO A 16 -19.74 26.19 -0.76
CA PRO A 16 -20.01 27.61 -0.78
C PRO A 16 -21.34 27.87 -1.46
N ILE A 17 -21.91 29.05 -1.21
CA ILE A 17 -23.04 29.50 -2.01
C ILE A 17 -22.46 30.33 -3.13
N TYR A 18 -22.93 30.09 -4.35
CA TYR A 18 -22.27 30.59 -5.55
C TYR A 18 -22.91 31.86 -6.03
N TYR A 19 -22.09 32.81 -6.48
CA TYR A 19 -22.62 34.03 -7.06
C TYR A 19 -23.33 33.73 -8.34
N VAL A 20 -24.46 34.39 -8.53
CA VAL A 20 -25.30 34.17 -9.69
C VAL A 20 -25.07 35.15 -10.85
N ASN A 21 -23.91 35.80 -10.92
CA ASN A 21 -23.59 36.66 -12.07
C ASN A 21 -23.40 35.93 -13.39
N ALA A 22 -23.07 34.65 -13.30
CA ALA A 22 -22.80 33.83 -14.46
C ALA A 22 -23.40 32.45 -14.24
N ALA A 23 -23.38 31.69 -15.33
CA ALA A 23 -23.98 30.37 -15.39
C ALA A 23 -23.11 29.34 -14.65
N PRO A 24 -23.72 28.20 -14.24
CA PRO A 24 -22.95 27.12 -13.62
C PRO A 24 -21.80 26.66 -14.51
N HIS A 25 -20.63 26.48 -13.92
CA HIS A 25 -19.47 26.00 -14.61
C HIS A 25 -18.77 24.93 -13.73
N ILE A 26 -17.65 24.40 -14.22
CA ILE A 26 -16.95 23.29 -13.58
C ILE A 26 -16.54 23.55 -12.11
N GLY A 27 -16.02 24.73 -11.83
CA GLY A 27 -15.75 25.17 -10.45
C GLY A 27 -16.87 24.91 -9.46
N HIS A 28 -18.10 25.27 -9.83
CA HIS A 28 -19.26 25.13 -8.94
C HIS A 28 -19.61 23.64 -8.78
N VAL A 29 -19.60 22.94 -9.90
CA VAL A 29 -19.82 21.51 -9.97
C VAL A 29 -18.79 20.74 -9.11
N TYR A 30 -17.54 21.16 -9.17
CA TYR A 30 -16.47 20.53 -8.41
C TYR A 30 -16.63 20.72 -6.89
N SER A 31 -16.82 21.97 -6.46
CA SER A 31 -17.05 22.27 -5.03
C SER A 31 -18.21 21.46 -4.46
N THR A 32 -19.33 21.45 -5.18
CA THR A 32 -20.54 20.74 -4.75
C THR A 32 -20.38 19.22 -4.80
N LEU A 33 -19.58 18.72 -5.74
CA LEU A 33 -19.25 17.30 -5.79
C LEU A 33 -18.55 16.83 -4.51
N ILE A 34 -17.57 17.61 -4.05
CA ILE A 34 -16.83 17.27 -2.83
C ILE A 34 -17.78 17.24 -1.63
N THR A 35 -18.60 18.28 -1.51
CA THR A 35 -19.66 18.33 -0.50
C THR A 35 -20.56 17.09 -0.56
N ASP A 36 -20.99 16.74 -1.76
CA ASP A 36 -21.84 15.58 -1.98
C ASP A 36 -21.20 14.26 -1.57
N VAL A 37 -19.93 14.06 -1.94
CA VAL A 37 -19.19 12.84 -1.62
C VAL A 37 -19.02 12.67 -0.10
N ILE A 38 -18.63 13.74 0.58
CA ILE A 38 -18.50 13.72 2.03
C ILE A 38 -19.86 13.39 2.66
N GLY A 39 -20.93 14.02 2.18
CA GLY A 39 -22.26 13.70 2.65
C GLY A 39 -22.59 12.23 2.48
N ARG A 40 -22.35 11.70 1.29
CA ARG A 40 -22.64 10.30 0.97
C ARG A 40 -21.84 9.31 1.79
N TYR A 41 -20.56 9.60 2.04
CA TYR A 41 -19.75 8.70 2.86
C TYR A 41 -20.34 8.57 4.26
N HIS A 42 -20.77 9.69 4.85
CA HIS A 42 -21.32 9.66 6.20
C HIS A 42 -22.68 8.96 6.26
N ARG A 43 -23.47 9.06 5.20
CA ARG A 43 -24.71 8.29 5.09
C ARG A 43 -24.43 6.78 4.99
N VAL A 44 -23.46 6.37 4.17
CA VAL A 44 -23.05 4.96 4.02
C VAL A 44 -22.57 4.41 5.37
N LYS A 45 -21.92 5.27 6.14
CA LYS A 45 -21.43 4.92 7.46
C LYS A 45 -22.58 4.73 8.47
N GLY A 46 -23.77 5.25 8.17
CA GLY A 46 -24.97 5.10 9.01
C GLY A 46 -25.35 6.33 9.81
N GLU A 47 -24.71 7.46 9.56
CA GLU A 47 -24.97 8.71 10.30
C GLU A 47 -26.11 9.52 9.69
N ARG A 48 -26.73 10.37 10.52
CA ARG A 48 -27.61 11.43 10.00
C ARG A 48 -26.77 12.50 9.36
N VAL A 49 -27.19 12.94 8.18
CA VAL A 49 -26.45 13.90 7.37
C VAL A 49 -27.39 15.01 6.86
N PHE A 50 -26.90 16.24 6.90
CA PHE A 50 -27.52 17.37 6.22
C PHE A 50 -26.46 18.05 5.36
N ALA A 51 -26.61 17.96 4.05
CA ALA A 51 -25.69 18.54 3.08
C ALA A 51 -26.35 19.77 2.45
N LEU A 52 -25.64 20.89 2.47
CA LEU A 52 -26.19 22.19 2.05
C LEU A 52 -25.39 22.77 0.88
N THR A 53 -26.10 23.29 -0.12
CA THR A 53 -25.50 24.10 -1.18
C THR A 53 -26.45 25.26 -1.49
N GLY A 54 -26.07 26.14 -2.40
CA GLY A 54 -26.97 27.24 -2.75
C GLY A 54 -26.39 28.38 -3.56
N THR A 55 -27.13 29.49 -3.56
CA THR A 55 -26.77 30.66 -4.35
C THR A 55 -26.71 31.94 -3.52
N ASP A 56 -25.73 32.77 -3.87
CA ASP A 56 -25.45 34.06 -3.27
C ASP A 56 -25.96 35.11 -4.28
N GLU A 57 -27.02 35.81 -3.90
CA GLU A 57 -27.82 36.56 -4.88
C GLU A 57 -27.79 38.08 -4.74
N HIS A 58 -27.29 38.63 -3.64
CA HIS A 58 -27.25 40.07 -3.44
C HIS A 58 -25.92 40.64 -3.84
N GLY A 59 -25.85 41.96 -3.84
CA GLY A 59 -24.59 42.67 -3.99
C GLY A 59 -24.44 43.38 -5.32
N GLN A 60 -23.39 44.20 -5.35
CA GLN A 60 -23.12 45.13 -6.43
C GLN A 60 -22.89 44.38 -7.75
N LYS A 61 -22.08 43.33 -7.66
CA LYS A 61 -21.69 42.48 -8.80
C LYS A 61 -22.85 41.73 -9.46
N VAL A 62 -23.81 41.26 -8.67
CA VAL A 62 -25.04 40.67 -9.21
C VAL A 62 -25.92 41.70 -9.89
N ALA A 63 -26.14 42.84 -9.23
CA ALA A 63 -27.00 43.90 -9.78
C ALA A 63 -26.46 44.46 -11.10
N GLU A 64 -25.14 44.63 -11.18
CA GLU A 64 -24.49 45.10 -12.41
C GLU A 64 -24.57 44.09 -13.55
N ALA A 65 -24.45 42.80 -13.23
CA ALA A 65 -24.68 41.73 -14.21
C ALA A 65 -26.12 41.69 -14.72
N ALA A 66 -27.10 41.88 -13.82
CA ALA A 66 -28.50 42.03 -14.20
C ALA A 66 -28.72 43.27 -15.10
N LYS A 67 -28.05 44.37 -14.76
CA LYS A 67 -28.12 45.63 -15.53
C LYS A 67 -27.60 45.43 -16.97
N GLN A 68 -26.46 44.75 -17.11
CA GLN A 68 -25.90 44.42 -18.43
C GLN A 68 -26.86 43.63 -19.32
N LYS A 69 -27.55 42.64 -18.73
CA LYS A 69 -28.56 41.86 -19.45
C LYS A 69 -29.90 42.58 -19.60
N GLN A 70 -30.05 43.75 -18.98
CA GLN A 70 -31.26 44.57 -19.04
C GLN A 70 -32.51 43.84 -18.51
N VAL A 71 -32.32 43.21 -17.35
CA VAL A 71 -33.39 42.50 -16.62
C VAL A 71 -33.33 43.01 -15.17
N SER A 72 -34.44 42.94 -14.43
CA SER A 72 -34.43 43.29 -13.01
C SER A 72 -33.60 42.28 -12.22
N PRO A 73 -32.94 42.71 -11.12
CA PRO A 73 -32.18 41.77 -10.29
C PRO A 73 -33.00 40.57 -9.78
N TYR A 74 -34.26 40.80 -9.40
CA TYR A 74 -35.19 39.75 -8.97
C TYR A 74 -35.34 38.64 -10.02
N ASP A 75 -35.60 39.06 -11.26
CA ASP A 75 -35.79 38.11 -12.36
C ASP A 75 -34.50 37.41 -12.74
N PHE A 76 -33.41 38.18 -12.77
CA PHE A 76 -32.10 37.64 -13.09
C PHE A 76 -31.68 36.56 -12.10
N THR A 77 -31.75 36.85 -10.81
CA THR A 77 -31.30 35.89 -9.78
C THR A 77 -32.15 34.63 -9.77
N THR A 78 -33.46 34.78 -9.95
CA THR A 78 -34.36 33.63 -9.99
C THR A 78 -34.06 32.72 -11.19
N ALA A 79 -33.77 33.33 -12.34
CA ALA A 79 -33.42 32.58 -13.54
C ALA A 79 -32.10 31.82 -13.36
N VAL A 80 -31.06 32.52 -12.93
CA VAL A 80 -29.75 31.91 -12.76
C VAL A 80 -29.78 30.85 -11.65
N ALA A 81 -30.48 31.11 -10.55
CA ALA A 81 -30.67 30.10 -9.50
C ALA A 81 -31.30 28.82 -10.05
N GLY A 82 -32.27 28.97 -10.94
CA GLY A 82 -32.89 27.83 -11.63
C GLY A 82 -31.91 27.01 -12.45
N GLU A 83 -30.99 27.70 -13.13
CA GLU A 83 -29.92 27.03 -13.88
C GLU A 83 -28.97 26.22 -12.99
N PHE A 84 -28.62 26.77 -11.82
CA PHE A 84 -27.83 26.02 -10.83
C PHE A 84 -28.57 24.77 -10.33
N LYS A 85 -29.83 24.95 -9.96
CA LYS A 85 -30.68 23.82 -9.51
C LYS A 85 -30.77 22.72 -10.55
N LYS A 86 -30.99 23.10 -11.80
CA LYS A 86 -31.08 22.14 -12.90
C LYS A 86 -29.76 21.41 -13.12
N CYS A 87 -28.66 22.16 -13.07
CA CYS A 87 -27.31 21.61 -13.17
C CYS A 87 -27.02 20.54 -12.11
N PHE A 88 -27.33 20.84 -10.85
CA PHE A 88 -27.08 19.90 -9.75
C PHE A 88 -28.00 18.67 -9.77
N GLU A 89 -29.22 18.83 -10.30
CA GLU A 89 -30.11 17.69 -10.55
C GLU A 89 -29.52 16.78 -11.62
N GLN A 90 -29.06 17.39 -12.72
CA GLN A 90 -28.42 16.65 -13.79
C GLN A 90 -27.17 15.92 -13.36
N MET A 91 -26.35 16.56 -12.51
CA MET A 91 -25.15 15.93 -11.97
C MET A 91 -25.42 14.83 -10.96
N ASP A 92 -26.67 14.68 -10.51
CA ASP A 92 -27.12 13.56 -9.69
C ASP A 92 -26.46 13.58 -8.30
N TYR A 93 -26.48 14.76 -7.69
CA TYR A 93 -26.04 14.90 -6.30
C TYR A 93 -27.17 14.48 -5.37
N SER A 94 -26.83 14.36 -4.09
CA SER A 94 -27.79 14.05 -3.04
C SER A 94 -27.68 15.13 -1.97
N ILE A 95 -27.96 16.37 -2.38
CA ILE A 95 -27.93 17.53 -1.49
C ILE A 95 -29.28 17.64 -0.81
N ASP A 96 -29.28 17.88 0.49
CA ASP A 96 -30.51 17.93 1.27
C ASP A 96 -31.27 19.25 1.14
N TYR A 97 -30.57 20.36 0.92
CA TYR A 97 -31.24 21.65 0.72
C TYR A 97 -30.44 22.62 -0.14
N PHE A 98 -31.15 23.36 -1.00
CA PHE A 98 -30.59 24.40 -1.86
C PHE A 98 -31.05 25.76 -1.33
N ILE A 99 -30.15 26.50 -0.68
CA ILE A 99 -30.49 27.79 -0.07
C ILE A 99 -30.25 28.97 -1.03
N ARG A 100 -31.11 29.99 -0.95
CA ARG A 100 -30.96 31.23 -1.73
C ARG A 100 -30.97 32.40 -0.76
N THR A 101 -30.05 33.34 -0.92
CA THR A 101 -29.95 34.46 0.02
C THR A 101 -31.11 35.47 -0.10
N THR A 102 -31.86 35.45 -1.21
CA THR A 102 -33.12 36.21 -1.33
C THR A 102 -34.26 35.65 -0.49
N ASN A 103 -34.09 34.46 0.07
CA ASN A 103 -35.09 33.83 0.94
C ASN A 103 -35.36 34.68 2.19
N GLU A 104 -36.64 34.85 2.51
CA GLU A 104 -37.08 35.72 3.59
C GLU A 104 -36.64 35.20 4.97
N GLN A 105 -36.57 33.89 5.14
CA GLN A 105 -36.07 33.28 6.40
C GLN A 105 -34.56 33.56 6.58
N HIS A 106 -33.79 33.50 5.49
CA HIS A 106 -32.38 33.89 5.53
C HIS A 106 -32.19 35.35 5.96
N LYS A 107 -32.98 36.25 5.40
CA LYS A 107 -32.91 37.67 5.78
C LYS A 107 -33.17 37.91 7.26
N ALA A 108 -34.14 37.18 7.81
CA ALA A 108 -34.46 37.24 9.24
C ALA A 108 -33.27 36.83 10.10
N VAL A 109 -32.58 35.76 9.69
CA VAL A 109 -31.41 35.26 10.42
C VAL A 109 -30.26 36.26 10.36
N VAL A 110 -30.05 36.85 9.19
CA VAL A 110 -29.03 37.89 9.04
C VAL A 110 -29.31 39.07 9.97
N LYS A 111 -30.57 39.50 10.05
CA LYS A 111 -30.95 40.59 10.97
C LYS A 111 -30.75 40.25 12.44
N GLU A 112 -31.11 39.03 12.84
CA GLU A 112 -30.85 38.53 14.21
C GLU A 112 -29.37 38.56 14.54
N LEU A 113 -28.54 38.05 13.62
CA LEU A 113 -27.10 37.97 13.85
C LEU A 113 -26.49 39.36 13.93
N TRP A 114 -26.88 40.24 13.01
CA TRP A 114 -26.43 41.64 13.04
C TRP A 114 -26.72 42.29 14.39
N THR A 115 -27.97 42.19 14.82
CA THR A 115 -28.42 42.78 16.07
C THR A 115 -27.63 42.21 17.26
N LYS A 116 -27.35 40.92 17.25
CA LYS A 116 -26.57 40.28 18.32
C LYS A 116 -25.16 40.87 18.37
N LEU A 117 -24.51 40.95 17.22
CA LEU A 117 -23.17 41.56 17.11
C LEU A 117 -23.15 43.02 17.56
N GLU A 118 -24.21 43.76 17.23
CA GLU A 118 -24.32 45.15 17.65
C GLU A 118 -24.49 45.26 19.16
N GLN A 119 -25.39 44.45 19.75
CA GLN A 119 -25.58 44.42 21.21
C GLN A 119 -24.33 44.04 21.99
N LYS A 120 -23.49 43.19 21.42
CA LYS A 120 -22.18 42.84 22.00
C LYS A 120 -21.13 43.96 21.99
N GLY A 121 -21.40 45.06 21.29
CA GLY A 121 -20.44 46.16 21.15
C GLY A 121 -19.39 45.90 20.08
N ASP A 122 -19.63 44.94 19.19
CA ASP A 122 -18.66 44.54 18.17
C ASP A 122 -18.90 45.19 16.80
N ILE A 123 -20.05 45.86 16.63
CA ILE A 123 -20.31 46.72 15.46
C ILE A 123 -20.40 48.26 15.84
N TYR A 124 -19.57 49.09 15.21
CA TYR A 124 -19.57 50.57 15.40
C TYR A 124 -19.60 51.30 14.06
N LEU A 125 -19.98 52.58 14.07
CA LEU A 125 -20.02 53.41 12.88
C LEU A 125 -18.67 54.08 12.70
N GLY A 126 -18.07 53.86 11.52
CA GLY A 126 -16.76 54.39 11.18
C GLY A 126 -16.65 54.64 9.68
N ARG A 127 -15.43 54.56 9.16
CA ARG A 127 -15.14 54.77 7.75
C ARG A 127 -14.23 53.73 7.14
N TYR A 128 -14.52 53.33 5.90
CA TYR A 128 -13.56 52.61 5.07
C TYR A 128 -13.06 53.55 3.98
N GLU A 129 -11.75 53.76 3.95
CA GLU A 129 -11.08 54.44 2.85
C GLU A 129 -10.00 53.49 2.34
N GLY A 130 -10.24 52.88 1.18
CA GLY A 130 -9.31 51.91 0.65
C GLY A 130 -9.76 51.26 -0.64
N TRP A 131 -9.00 50.25 -1.06
CA TRP A 131 -9.29 49.52 -2.29
C TRP A 131 -10.34 48.43 -2.05
N TYR A 132 -11.09 48.14 -3.12
CA TYR A 132 -12.15 47.15 -3.11
C TYR A 132 -12.26 46.47 -4.47
N SER A 133 -12.34 45.13 -4.47
CA SER A 133 -12.66 44.37 -5.68
C SER A 133 -14.14 44.00 -5.69
N ILE A 134 -14.88 44.54 -6.67
CA ILE A 134 -16.32 44.26 -6.80
C ILE A 134 -16.54 42.79 -7.16
N SER A 135 -15.73 42.27 -8.06
CA SER A 135 -15.83 40.88 -8.50
C SER A 135 -15.58 39.85 -7.39
N ASP A 136 -14.63 40.12 -6.51
CA ASP A 136 -14.37 39.26 -5.35
C ASP A 136 -15.18 39.67 -4.11
N GLU A 137 -15.86 40.81 -4.18
CA GLU A 137 -16.60 41.40 -3.05
C GLU A 137 -15.69 41.53 -1.81
N SER A 138 -14.47 42.00 -2.06
CA SER A 138 -13.36 41.89 -1.11
C SER A 138 -12.65 43.21 -0.90
N PHE A 139 -12.39 43.54 0.37
CA PHE A 139 -11.57 44.68 0.74
C PHE A 139 -10.10 44.27 0.65
N LEU A 140 -9.26 45.15 0.13
CA LEU A 140 -7.83 44.88 -0.07
C LEU A 140 -6.97 46.04 0.40
N THR A 141 -5.82 45.74 0.98
CA THR A 141 -4.84 46.75 1.38
C THR A 141 -4.01 47.12 0.15
N PRO A 142 -3.22 48.22 0.22
CA PRO A 142 -2.38 48.60 -0.94
C PRO A 142 -1.32 47.56 -1.36
N GLN A 143 -0.88 46.70 -0.44
CA GLN A 143 0.09 45.64 -0.74
C GLN A 143 -0.52 44.49 -1.57
N ASN A 144 -1.84 44.38 -1.62
CA ASN A 144 -2.54 43.36 -2.41
C ASN A 144 -3.01 43.84 -3.79
N ILE A 145 -2.55 45.03 -4.22
CA ILE A 145 -2.88 45.54 -5.56
C ILE A 145 -1.60 45.78 -6.38
N THR A 146 -1.77 45.79 -7.70
CA THR A 146 -0.71 46.10 -8.65
C THR A 146 -1.35 46.71 -9.90
N ASP A 147 -0.52 47.07 -10.88
CA ASP A 147 -1.01 47.65 -12.15
C ASP A 147 -1.45 46.55 -13.11
N GLY A 148 -2.40 46.87 -13.99
CA GLY A 148 -2.91 45.93 -14.98
C GLY A 148 -3.84 46.58 -16.00
N VAL A 149 -4.69 45.75 -16.60
CA VAL A 149 -5.68 46.21 -17.59
C VAL A 149 -7.05 45.58 -17.33
N ASP A 150 -8.10 46.27 -17.80
CA ASP A 150 -9.49 45.83 -17.63
C ASP A 150 -9.98 45.11 -18.91
N LYS A 151 -11.29 44.83 -19.00
CA LYS A 151 -11.88 44.15 -20.17
C LYS A 151 -11.62 44.84 -21.52
N ASP A 152 -11.48 46.17 -21.51
CA ASP A 152 -11.19 46.96 -22.71
C ASP A 152 -9.70 46.97 -23.07
N GLY A 153 -8.84 47.11 -22.07
CA GLY A 153 -7.39 47.26 -22.27
C GLY A 153 -6.76 48.56 -21.80
N ASN A 154 -7.57 49.46 -21.23
CA ASN A 154 -7.06 50.74 -20.67
C ASN A 154 -6.34 50.47 -19.34
N PRO A 155 -5.47 51.39 -18.87
CA PRO A 155 -4.66 51.11 -17.66
C PRO A 155 -5.44 51.32 -16.37
N CYS A 156 -5.26 50.41 -15.40
CA CYS A 156 -5.97 50.46 -14.12
C CYS A 156 -5.24 49.67 -13.05
N LYS A 157 -5.79 49.66 -11.83
CA LYS A 157 -5.29 48.81 -10.75
C LYS A 157 -6.07 47.48 -10.74
N VAL A 158 -5.38 46.40 -10.35
CA VAL A 158 -5.99 45.08 -10.25
C VAL A 158 -5.57 44.38 -8.95
N SER A 159 -6.33 43.35 -8.59
CA SER A 159 -6.03 42.52 -7.42
C SER A 159 -4.83 41.61 -7.69
N LEU A 160 -3.93 41.48 -6.71
CA LEU A 160 -2.84 40.49 -6.76
C LEU A 160 -3.37 39.05 -6.65
N GLU A 161 -4.38 38.86 -5.80
CA GLU A 161 -5.05 37.56 -5.61
C GLU A 161 -5.63 37.01 -6.92
N SER A 162 -6.54 37.79 -7.51
CA SER A 162 -7.41 37.32 -8.59
C SER A 162 -7.25 38.00 -9.95
N GLY A 163 -6.51 39.11 -10.03
CA GLY A 163 -6.37 39.86 -11.27
C GLY A 163 -7.55 40.71 -11.70
N HIS A 164 -8.60 40.77 -10.88
CA HIS A 164 -9.79 41.59 -11.20
C HIS A 164 -9.54 43.06 -10.88
N VAL A 165 -10.34 43.92 -11.50
CA VAL A 165 -10.20 45.37 -11.36
C VAL A 165 -10.57 45.79 -9.94
N VAL A 166 -9.76 46.68 -9.36
CA VAL A 166 -10.04 47.25 -8.04
C VAL A 166 -10.37 48.74 -8.17
N THR A 167 -11.19 49.25 -7.26
CA THR A 167 -11.56 50.66 -7.22
C THR A 167 -11.37 51.19 -5.80
N TRP A 168 -11.12 52.49 -5.71
CA TRP A 168 -10.98 53.16 -4.42
C TRP A 168 -12.36 53.55 -3.91
N VAL A 169 -12.67 53.11 -2.69
CA VAL A 169 -13.92 53.41 -2.01
C VAL A 169 -13.67 54.33 -0.82
N SER A 170 -14.51 55.33 -0.62
CA SER A 170 -14.47 56.19 0.57
C SER A 170 -15.90 56.39 1.09
N GLU A 171 -16.24 55.67 2.15
CA GLU A 171 -17.61 55.62 2.67
C GLU A 171 -17.62 55.48 4.17
N GLU A 172 -18.50 56.23 4.82
CA GLU A 172 -18.90 55.96 6.19
C GLU A 172 -19.66 54.61 6.22
N ASN A 173 -19.22 53.69 7.08
CA ASN A 173 -19.70 52.28 7.08
C ASN A 173 -19.78 51.78 8.52
N TYR A 174 -20.71 50.87 8.76
CA TYR A 174 -20.66 50.06 9.99
C TYR A 174 -19.45 49.17 9.92
N MET A 175 -18.73 49.08 11.04
CA MET A 175 -17.45 48.38 11.12
C MET A 175 -17.57 47.29 12.17
N PHE A 176 -17.10 46.09 11.85
CA PHE A 176 -16.99 44.99 12.79
C PHE A 176 -15.59 45.04 13.38
N ARG A 177 -15.49 44.92 14.71
CA ARG A 177 -14.22 45.04 15.42
C ARG A 177 -13.38 43.76 15.32
N LEU A 178 -12.97 43.43 14.11
CA LEU A 178 -12.24 42.20 13.83
C LEU A 178 -10.89 42.16 14.54
N SER A 179 -10.27 43.33 14.71
CA SER A 179 -8.96 43.47 15.38
C SER A 179 -8.94 42.91 16.80
N ALA A 180 -10.08 43.04 17.49
CA ALA A 180 -10.24 42.50 18.84
C ALA A 180 -10.24 40.96 18.95
N PHE A 181 -10.30 40.25 17.82
CA PHE A 181 -10.44 38.79 17.81
C PHE A 181 -9.15 38.05 17.40
N ARG A 182 -8.06 38.77 17.20
CA ARG A 182 -6.79 38.18 16.78
C ARG A 182 -6.29 37.07 17.72
N GLU A 183 -6.22 37.36 19.01
CA GLU A 183 -5.71 36.38 19.97
C GLU A 183 -6.63 35.17 20.10
N ARG A 184 -7.94 35.40 20.15
CA ARG A 184 -8.91 34.29 20.22
C ARG A 184 -8.87 33.42 18.96
N LEU A 185 -8.66 34.02 17.79
CA LEU A 185 -8.52 33.26 16.55
C LEU A 185 -7.26 32.41 16.57
N LEU A 186 -6.15 32.98 17.01
CA LEU A 186 -4.90 32.25 17.12
C LEU A 186 -4.99 31.10 18.12
N GLU A 187 -5.66 31.31 19.25
CA GLU A 187 -5.90 30.23 20.22
C GLU A 187 -6.72 29.10 19.61
N TRP A 188 -7.72 29.46 18.80
CA TRP A 188 -8.55 28.46 18.12
C TRP A 188 -7.73 27.64 17.11
N TYR A 189 -6.89 28.29 16.32
CA TYR A 189 -6.05 27.59 15.34
C TYR A 189 -5.07 26.63 16.02
N HIS A 190 -4.42 27.08 17.09
CA HIS A 190 -3.44 26.27 17.80
CA HIS A 190 -3.46 26.27 17.82
C HIS A 190 -4.09 25.12 18.59
N ALA A 191 -5.24 25.36 19.21
CA ALA A 191 -5.97 24.32 19.93
C ALA A 191 -6.58 23.26 19.02
N ASN A 192 -6.82 23.59 17.75
CA ASN A 192 -7.49 22.69 16.81
C ASN A 192 -6.69 22.60 15.52
N PRO A 193 -5.57 21.87 15.56
CA PRO A 193 -4.63 21.87 14.42
C PRO A 193 -5.10 21.17 13.14
N GLY A 194 -6.24 20.48 13.19
CA GLY A 194 -6.87 19.94 11.99
C GLY A 194 -8.04 20.75 11.45
N CYS A 195 -8.27 21.97 11.99
CA CYS A 195 -9.45 22.74 11.63
C CYS A 195 -9.41 23.36 10.23
N ILE A 196 -8.22 23.53 9.66
CA ILE A 196 -8.09 23.99 8.27
C ILE A 196 -7.21 22.98 7.52
N VAL A 197 -7.69 22.56 6.35
CA VAL A 197 -7.06 21.54 5.52
C VAL A 197 -7.02 22.08 4.09
N PRO A 198 -5.93 21.89 3.34
CA PRO A 198 -4.72 21.18 3.75
C PRO A 198 -3.83 22.05 4.63
N GLU A 199 -2.79 21.42 5.17
CA GLU A 199 -1.96 22.02 6.23
C GLU A 199 -1.27 23.32 5.82
N PHE A 200 -0.78 23.41 4.58
CA PHE A 200 -0.09 24.63 4.14
C PHE A 200 -1.03 25.83 4.07
N ARG A 201 -2.32 25.60 3.80
CA ARG A 201 -3.33 26.67 3.82
C ARG A 201 -3.63 27.10 5.24
N ARG A 202 -3.63 26.16 6.18
CA ARG A 202 -3.69 26.48 7.61
C ARG A 202 -2.53 27.39 8.05
N ARG A 203 -1.33 27.10 7.57
CA ARG A 203 -0.14 27.91 7.88
C ARG A 203 -0.26 29.33 7.32
N GLU A 204 -0.81 29.47 6.10
CA GLU A 204 -1.06 30.78 5.49
C GLU A 204 -2.02 31.64 6.33
N VAL A 205 -3.11 31.04 6.79
CA VAL A 205 -4.10 31.74 7.61
C VAL A 205 -3.48 32.21 8.91
N ILE A 206 -2.72 31.33 9.57
CA ILE A 206 -2.09 31.68 10.86
C ILE A 206 -1.10 32.82 10.71
N ARG A 207 -0.28 32.79 9.65
CA ARG A 207 0.67 33.88 9.40
C ARG A 207 -0.04 35.22 9.20
N ALA A 208 -1.11 35.22 8.40
CA ALA A 208 -1.92 36.42 8.14
C ALA A 208 -2.48 37.04 9.42
N VAL A 209 -3.02 36.19 10.30
CA VAL A 209 -3.61 36.66 11.55
C VAL A 209 -2.53 37.12 12.53
N GLU A 210 -1.36 36.46 12.51
CA GLU A 210 -0.22 36.88 13.34
C GLU A 210 0.24 38.30 13.00
N LYS A 211 0.28 38.65 11.71
CA LYS A 211 0.66 40.00 11.24
C LYS A 211 -0.22 41.13 11.79
N GLY A 212 -1.48 40.84 12.08
CA GLY A 212 -2.43 41.82 12.61
C GLY A 212 -3.67 41.83 11.75
N LEU A 213 -4.79 42.20 12.36
CA LEU A 213 -6.08 42.25 11.66
C LEU A 213 -6.67 43.65 11.76
N PRO A 214 -7.02 44.25 10.62
CA PRO A 214 -7.79 45.50 10.68
C PRO A 214 -9.26 45.20 10.97
N ASP A 215 -10.02 46.23 11.35
CA ASP A 215 -11.47 46.12 11.47
C ASP A 215 -12.05 45.99 10.08
N LEU A 216 -13.28 45.52 10.01
CA LEU A 216 -13.89 45.10 8.76
C LEU A 216 -15.20 45.84 8.57
N SER A 217 -15.34 46.46 7.41
CA SER A 217 -16.59 47.10 7.03
C SER A 217 -17.64 46.06 6.71
N VAL A 218 -18.75 46.12 7.42
CA VAL A 218 -19.85 45.17 7.25
C VAL A 218 -21.12 45.80 6.69
N SER A 219 -21.07 47.08 6.34
CA SER A 219 -22.15 47.68 5.58
C SER A 219 -21.61 48.51 4.43
N ARG A 220 -22.50 48.83 3.52
CA ARG A 220 -22.23 49.77 2.46
C ARG A 220 -23.45 50.67 2.29
N ALA A 221 -23.22 51.87 1.75
CA ALA A 221 -24.32 52.78 1.41
C ALA A 221 -25.19 52.14 0.34
N ARG A 222 -26.50 52.27 0.48
CA ARG A 222 -27.45 51.52 -0.37
C ARG A 222 -27.32 51.82 -1.87
N ALA A 223 -27.01 53.06 -2.22
CA ALA A 223 -26.80 53.44 -3.63
C ALA A 223 -25.65 52.68 -4.29
N THR A 224 -24.58 52.43 -3.55
CA THR A 224 -23.43 51.70 -4.09
C THR A 224 -23.76 50.25 -4.46
N LEU A 225 -24.75 49.66 -3.78
CA LEU A 225 -25.19 48.28 -4.06
C LEU A 225 -26.42 48.23 -4.95
N HIS A 226 -26.80 49.38 -5.52
CA HIS A 226 -27.98 49.49 -6.37
C HIS A 226 -29.24 48.98 -5.63
N ASN A 227 -29.28 49.23 -4.31
CA ASN A 227 -30.36 48.74 -3.43
C ASN A 227 -30.62 47.23 -3.46
N TRP A 228 -29.63 46.43 -3.87
CA TRP A 228 -29.81 45.00 -4.04
C TRP A 228 -29.03 44.26 -2.94
N ALA A 229 -29.58 44.36 -1.73
CA ALA A 229 -28.96 43.84 -0.52
C ALA A 229 -29.96 43.90 0.65
N ILE A 230 -29.58 43.33 1.78
CA ILE A 230 -30.41 43.32 2.98
C ILE A 230 -30.17 44.63 3.73
N PRO A 231 -31.24 45.36 4.12
CA PRO A 231 -31.06 46.60 4.90
C PRO A 231 -30.52 46.34 6.29
N VAL A 232 -29.69 47.27 6.79
CA VAL A 232 -29.20 47.21 8.16
C VAL A 232 -30.39 47.48 9.10
N PRO A 233 -30.60 46.63 10.12
CA PRO A 233 -31.64 46.87 11.14
C PRO A 233 -31.49 48.23 11.82
N GLY A 234 -32.55 49.04 11.75
CA GLY A 234 -32.55 50.37 12.32
C GLY A 234 -31.83 51.46 11.54
N ASN A 235 -31.36 51.16 10.33
CA ASN A 235 -30.70 52.16 9.48
C ASN A 235 -30.85 51.85 7.99
N PRO A 236 -31.98 52.26 7.38
CA PRO A 236 -32.26 51.91 5.98
C PRO A 236 -31.39 52.61 4.92
N ASP A 237 -30.55 53.58 5.31
CA ASP A 237 -29.56 54.16 4.39
C ASP A 237 -28.39 53.21 4.09
N HIS A 238 -28.23 52.17 4.92
CA HIS A 238 -27.16 51.20 4.78
C HIS A 238 -27.68 49.79 4.50
N CYS A 239 -26.85 49.01 3.83
CA CYS A 239 -27.10 47.62 3.52
C CYS A 239 -26.01 46.72 4.09
N VAL A 240 -26.37 45.47 4.41
CA VAL A 240 -25.42 44.51 4.97
C VAL A 240 -24.48 44.02 3.86
N TYR A 241 -23.16 44.06 4.14
CA TYR A 241 -22.05 43.50 3.32
C TYR A 241 -22.44 42.15 2.84
N VAL A 242 -22.35 41.95 1.53
CA VAL A 242 -22.71 40.68 0.93
C VAL A 242 -22.04 39.44 1.58
N TRP A 243 -20.85 39.57 2.17
CA TRP A 243 -20.17 38.42 2.82
C TRP A 243 -20.68 38.01 4.20
N LEU A 244 -21.16 38.96 4.99
CA LEU A 244 -21.83 38.62 6.25
C LEU A 244 -23.19 37.98 5.95
N ASP A 245 -23.91 38.60 5.00
CA ASP A 245 -25.10 38.05 4.35
C ASP A 245 -24.80 36.62 3.88
N ALA A 246 -23.70 36.43 3.14
CA ALA A 246 -23.38 35.15 2.52
C ALA A 246 -22.99 34.08 3.55
N LEU A 247 -22.07 34.42 4.45
CA LEU A 247 -21.57 33.47 5.43
C LEU A 247 -22.68 32.95 6.32
N THR A 248 -23.63 33.82 6.62
CA THR A 248 -24.78 33.50 7.44
C THR A 248 -25.69 32.40 6.87
N ASN A 249 -25.59 32.08 5.57
CA ASN A 249 -26.38 30.99 4.98
C ASN A 249 -26.20 29.67 5.73
N TYR A 250 -25.00 29.42 6.25
CA TYR A 250 -24.70 28.21 7.00
C TYR A 250 -25.52 28.14 8.28
N LEU A 251 -25.69 29.27 8.95
CA LEU A 251 -26.53 29.38 10.14
C LEU A 251 -28.02 29.22 9.78
N THR A 252 -28.47 29.94 8.76
CA THR A 252 -29.85 29.80 8.26
C THR A 252 -30.16 28.35 7.90
N GLY A 253 -29.32 27.73 7.08
CA GLY A 253 -29.51 26.35 6.65
C GLY A 253 -29.62 25.37 7.80
N SER A 254 -28.86 25.62 8.87
CA SER A 254 -28.89 24.78 10.06
C SER A 254 -30.18 24.90 10.89
N ARG A 255 -31.02 25.89 10.58
CA ARG A 255 -32.24 26.19 11.31
C ARG A 255 -33.52 26.00 10.49
N LEU A 256 -33.41 25.47 9.26
CA LEU A 256 -34.58 25.25 8.41
C LEU A 256 -35.08 23.81 8.46
N ARG A 257 -36.35 23.63 8.83
CA ARG A 257 -37.07 22.36 8.58
C ARG A 257 -37.45 22.30 7.11
N VAL A 258 -37.11 21.19 6.46
CA VAL A 258 -37.30 21.00 5.02
C VAL A 258 -38.26 19.84 4.81
N ASP A 259 -39.19 19.97 3.86
CA ASP A 259 -40.14 18.89 3.52
C ASP A 259 -39.52 17.86 2.56
N GLU A 260 -40.29 16.82 2.22
CA GLU A 260 -39.82 15.74 1.33
C GLU A 260 -39.51 16.19 -0.12
N SER A 261 -40.10 17.30 -0.56
CA SER A 261 -39.80 17.89 -1.89
C SER A 261 -38.65 18.91 -1.90
N GLY A 262 -38.03 19.19 -0.75
CA GLY A 262 -36.90 20.13 -0.67
C GLY A 262 -37.23 21.59 -0.42
N LYS A 263 -38.50 21.93 -0.23
CA LYS A 263 -38.91 23.30 0.13
C LYS A 263 -38.77 23.50 1.64
N GLU A 264 -38.25 24.65 2.06
CA GLU A 264 -38.21 25.02 3.48
C GLU A 264 -39.64 25.31 3.94
N VAL A 265 -40.02 24.76 5.09
CA VAL A 265 -41.37 24.97 5.65
C VAL A 265 -41.38 25.76 6.97
N SER A 266 -40.23 25.90 7.63
CA SER A 266 -40.19 26.54 8.95
C SER A 266 -38.75 26.88 9.34
N LEU A 267 -38.60 28.01 10.05
CA LEU A 267 -37.34 28.43 10.61
C LEU A 267 -37.45 28.30 12.13
N VAL A 268 -36.64 27.45 12.72
CA VAL A 268 -36.63 27.29 14.18
C VAL A 268 -35.83 28.41 14.84
N ASP A 269 -36.18 28.74 16.08
CA ASP A 269 -35.51 29.80 16.85
C ASP A 269 -34.11 29.40 17.28
N ASP A 270 -33.99 28.19 17.82
CA ASP A 270 -32.75 27.70 18.43
C ASP A 270 -32.13 26.66 17.49
N PHE A 271 -30.88 26.90 17.06
CA PHE A 271 -30.15 25.97 16.19
C PHE A 271 -30.03 24.55 16.77
N ASN A 272 -29.88 24.44 18.09
CA ASN A 272 -29.79 23.16 18.78
C ASN A 272 -30.96 22.20 18.53
N GLU A 273 -32.14 22.75 18.23
CA GLU A 273 -33.32 21.94 17.92
C GLU A 273 -33.12 20.96 16.77
N LEU A 274 -32.39 21.35 15.73
CA LEU A 274 -32.14 20.48 14.57
C LEU A 274 -30.77 19.79 14.58
N GLU A 275 -29.90 20.13 15.53
CA GLU A 275 -28.63 19.41 15.77
C GLU A 275 -27.62 19.44 14.60
N ARG A 276 -27.69 20.46 13.75
CA ARG A 276 -26.76 20.60 12.62
C ARG A 276 -25.60 21.53 12.92
N PHE A 277 -25.90 22.71 13.45
CA PHE A 277 -24.86 23.74 13.67
C PHE A 277 -23.96 23.33 14.84
N PRO A 278 -22.64 23.54 14.78
CA PRO A 278 -21.90 24.12 13.65
C PRO A 278 -21.55 23.08 12.60
N ALA A 279 -21.09 23.56 11.44
CA ALA A 279 -20.73 22.67 10.36
C ALA A 279 -19.58 21.79 10.76
N ASP A 280 -19.69 20.52 10.40
CA ASP A 280 -18.60 19.57 10.55
C ASP A 280 -17.53 19.79 9.49
N VAL A 281 -17.95 20.07 8.26
CA VAL A 281 -17.04 20.41 7.16
C VAL A 281 -17.62 21.54 6.32
N HIS A 282 -16.88 22.64 6.19
CA HIS A 282 -17.14 23.62 5.14
C HIS A 282 -16.19 23.31 3.98
N VAL A 283 -16.75 22.96 2.82
CA VAL A 283 -15.96 22.78 1.60
C VAL A 283 -15.91 24.15 0.90
N ILE A 284 -14.70 24.61 0.58
CA ILE A 284 -14.50 25.88 -0.12
C ILE A 284 -13.36 25.81 -1.13
N GLY A 285 -13.37 26.74 -2.08
CA GLY A 285 -12.19 26.98 -2.90
C GLY A 285 -11.19 27.83 -2.15
N LYS A 286 -9.93 27.74 -2.55
CA LYS A 286 -8.83 28.52 -1.94
C LYS A 286 -9.02 30.05 -2.00
N ASP A 287 -9.73 30.53 -3.01
CA ASP A 287 -10.03 31.96 -3.15
C ASP A 287 -10.91 32.61 -2.07
N ILE A 288 -11.58 31.82 -1.25
CA ILE A 288 -12.45 32.37 -0.20
C ILE A 288 -12.05 31.93 1.21
N LEU A 289 -10.79 31.51 1.34
CA LEU A 289 -10.28 30.99 2.60
C LEU A 289 -10.34 32.00 3.73
N LYS A 290 -9.92 33.23 3.47
CA LYS A 290 -9.89 34.27 4.53
C LYS A 290 -11.27 34.55 5.11
N PHE A 291 -12.29 34.50 4.25
CA PHE A 291 -13.66 34.80 4.66
C PHE A 291 -14.16 33.70 5.62
N HIS A 292 -13.84 32.44 5.33
CA HIS A 292 -14.27 31.30 6.13
C HIS A 292 -13.39 30.98 7.33
N ALA A 293 -12.10 31.30 7.25
CA ALA A 293 -11.15 30.95 8.32
C ALA A 293 -10.81 32.10 9.26
N ILE A 294 -11.10 33.35 8.87
CA ILE A 294 -10.87 34.53 9.71
C ILE A 294 -12.19 35.24 10.07
N TYR A 295 -12.92 35.73 9.07
CA TYR A 295 -14.11 36.55 9.33
C TYR A 295 -15.23 35.76 10.02
N TRP A 296 -15.58 34.62 9.42
CA TRP A 296 -16.66 33.76 9.90
C TRP A 296 -16.47 33.36 11.38
N PRO A 297 -15.30 32.80 11.75
CA PRO A 297 -15.13 32.47 13.16
C PRO A 297 -15.15 33.68 14.09
N ALA A 298 -14.66 34.83 13.63
CA ALA A 298 -14.74 36.07 14.42
C ALA A 298 -16.20 36.48 14.70
N PHE A 299 -17.04 36.42 13.67
CA PHE A 299 -18.49 36.68 13.83
C PHE A 299 -19.13 35.70 14.83
N LEU A 300 -18.77 34.43 14.72
CA LEU A 300 -19.32 33.40 15.60
C LEU A 300 -18.84 33.58 17.03
N LEU A 301 -17.57 33.93 17.21
CA LEU A 301 -17.04 34.25 18.54
C LEU A 301 -17.75 35.45 19.15
N SER A 302 -17.95 36.49 18.36
CA SER A 302 -18.70 37.66 18.80
C SER A 302 -20.12 37.30 19.26
N ALA A 303 -20.82 36.52 18.44
CA ALA A 303 -22.20 36.11 18.75
C ALA A 303 -22.32 35.02 19.82
N GLY A 304 -21.21 34.41 20.25
CA GLY A 304 -21.24 33.33 21.22
C GLY A 304 -21.82 32.05 20.63
N LEU A 305 -21.55 31.82 19.35
CA LEU A 305 -22.00 30.61 18.64
C LEU A 305 -20.82 29.66 18.48
N PRO A 306 -21.09 28.35 18.39
CA PRO A 306 -19.98 27.41 18.23
C PRO A 306 -19.29 27.52 16.86
N LEU A 307 -18.00 27.19 16.81
CA LEU A 307 -17.20 27.32 15.61
C LEU A 307 -17.22 26.01 14.79
N PRO A 308 -16.99 26.11 13.47
CA PRO A 308 -16.98 24.90 12.64
C PRO A 308 -15.80 23.98 12.99
N LYS A 309 -15.94 22.69 12.71
CA LYS A 309 -14.89 21.73 13.04
C LYS A 309 -13.76 21.73 12.02
N LYS A 310 -14.11 21.76 10.74
CA LYS A 310 -13.13 21.73 9.65
C LYS A 310 -13.54 22.64 8.50
N ILE A 311 -12.55 23.33 7.93
CA ILE A 311 -12.69 24.04 6.67
C ILE A 311 -11.72 23.35 5.71
N VAL A 312 -12.23 22.82 4.61
CA VAL A 312 -11.37 22.20 3.60
C VAL A 312 -11.38 23.06 2.34
N ALA A 313 -10.18 23.48 1.94
CA ALA A 313 -9.98 24.42 0.84
C ALA A 313 -9.27 23.71 -0.30
N HIS A 314 -9.97 23.53 -1.42
CA HIS A 314 -9.42 22.86 -2.58
C HIS A 314 -8.71 23.81 -3.54
N GLY A 315 -8.02 23.21 -4.50
CA GLY A 315 -7.02 23.89 -5.32
C GLY A 315 -7.60 24.72 -6.42
N TRP A 316 -8.82 24.39 -6.79
CA TRP A 316 -9.51 25.10 -7.85
C TRP A 316 -10.01 26.47 -7.38
N TRP A 317 -10.35 27.30 -8.36
CA TRP A 317 -11.02 28.56 -8.11
C TRP A 317 -12.52 28.29 -8.06
N THR A 318 -13.24 29.10 -7.28
CA THR A 318 -14.70 29.05 -7.18
C THR A 318 -15.35 30.04 -8.15
N LYS A 319 -14.87 31.29 -8.14
CA LYS A 319 -15.48 32.40 -8.89
C LYS A 319 -15.11 32.37 -10.38
N ASN A 330 -11.48 27.75 -24.56
CA ASN A 330 -11.17 26.53 -23.83
C ASN A 330 -12.29 26.16 -22.85
N VAL A 331 -13.38 25.61 -23.39
CA VAL A 331 -14.56 25.24 -22.60
C VAL A 331 -14.39 23.83 -22.01
N PHE A 332 -14.85 23.66 -20.77
CA PHE A 332 -14.98 22.36 -20.14
C PHE A 332 -16.37 22.23 -19.53
N ASP A 333 -17.34 21.78 -20.32
CA ASP A 333 -18.73 21.62 -19.87
C ASP A 333 -18.88 20.25 -19.17
N PRO A 334 -19.18 20.25 -17.85
CA PRO A 334 -19.23 18.97 -17.12
C PRO A 334 -20.37 18.05 -17.55
N VAL A 335 -21.53 18.63 -17.89
CA VAL A 335 -22.68 17.83 -18.35
C VAL A 335 -22.40 17.19 -19.72
N GLU A 336 -21.73 17.93 -20.61
CA GLU A 336 -21.33 17.40 -21.91
C GLU A 336 -20.37 16.20 -21.76
N LYS A 337 -19.33 16.37 -20.95
CA LYS A 337 -18.33 15.31 -20.72
C LYS A 337 -18.93 14.10 -20.02
N ALA A 338 -19.87 14.33 -19.10
CA ALA A 338 -20.58 13.27 -18.41
C ALA A 338 -21.47 12.45 -19.35
N GLU A 339 -22.13 13.13 -20.29
CA GLU A 339 -22.90 12.44 -21.35
C GLU A 339 -21.99 11.63 -22.28
N GLU A 340 -20.79 12.14 -22.54
CA GLU A 340 -19.80 11.46 -23.38
C GLU A 340 -19.18 10.25 -22.67
N PHE A 341 -18.65 10.46 -21.46
CA PHE A 341 -17.85 9.46 -20.73
C PHE A 341 -18.56 8.72 -19.59
N GLY A 342 -19.69 9.23 -19.11
CA GLY A 342 -20.40 8.69 -17.94
C GLY A 342 -20.31 9.63 -16.75
N TYR A 343 -21.39 9.70 -15.97
CA TYR A 343 -21.47 10.59 -14.81
C TYR A 343 -20.55 10.13 -13.66
N ASP A 344 -20.67 8.87 -13.26
CA ASP A 344 -19.79 8.31 -12.22
C ASP A 344 -18.32 8.36 -12.62
N ALA A 345 -18.03 8.07 -13.90
CA ALA A 345 -16.65 8.12 -14.42
C ALA A 345 -16.05 9.52 -14.35
N LEU A 346 -16.85 10.52 -14.69
CA LEU A 346 -16.40 11.91 -14.61
C LEU A 346 -16.13 12.32 -13.16
N LYS A 347 -17.05 11.98 -12.25
CA LYS A 347 -16.90 12.24 -10.82
C LYS A 347 -15.64 11.59 -10.27
N TYR A 348 -15.42 10.34 -10.66
CA TYR A 348 -14.21 9.61 -10.31
C TYR A 348 -12.95 10.34 -10.77
N PHE A 349 -12.96 10.75 -12.03
CA PHE A 349 -11.80 11.44 -12.62
C PHE A 349 -11.47 12.73 -11.88
N LEU A 350 -12.49 13.56 -11.66
CA LEU A 350 -12.29 14.84 -10.97
C LEU A 350 -11.73 14.65 -9.56
N LEU A 351 -12.21 13.63 -8.86
CA LEU A 351 -11.74 13.35 -7.50
C LEU A 351 -10.40 12.63 -7.46
N ARG A 352 -10.13 11.78 -8.45
CA ARG A 352 -8.86 11.05 -8.53
C ARG A 352 -7.71 11.92 -9.03
N GLU A 353 -7.98 12.76 -10.03
CA GLU A 353 -6.90 13.47 -10.73
C GLU A 353 -6.16 14.51 -9.89
N SER A 354 -6.88 15.27 -9.06
CA SER A 354 -6.27 16.32 -8.23
C SER A 354 -6.52 16.15 -6.74
N GLY A 355 -5.49 16.40 -5.95
CA GLY A 355 -5.63 16.64 -4.53
C GLY A 355 -5.73 18.15 -4.38
N PHE A 356 -5.04 18.69 -3.38
CA PHE A 356 -5.12 20.11 -3.05
C PHE A 356 -4.14 20.94 -3.90
N SER A 357 -4.43 21.01 -5.20
CA SER A 357 -3.56 21.68 -6.20
C SER A 357 -4.32 21.94 -7.51
N ASP A 358 -3.76 22.86 -8.30
CA ASP A 358 -4.13 23.03 -9.72
C ASP A 358 -3.35 22.10 -10.65
N ASP A 359 -2.14 21.68 -10.24
CA ASP A 359 -1.29 20.88 -11.12
C ASP A 359 -1.93 19.50 -11.34
N GLY A 360 -2.42 19.26 -12.55
CA GLY A 360 -3.20 18.06 -12.86
C GLY A 360 -3.83 18.16 -14.25
N ASP A 361 -3.88 17.03 -14.94
CA ASP A 361 -4.14 16.99 -16.37
C ASP A 361 -5.61 16.60 -16.57
N TYR A 362 -6.41 17.52 -17.12
CA TYR A 362 -7.88 17.33 -17.36
C TYR A 362 -8.26 17.09 -18.83
N SER A 363 -7.31 16.59 -19.58
CA SER A 363 -7.49 16.36 -21.01
C SER A 363 -8.32 15.11 -21.28
N ASP A 364 -8.87 15.02 -22.49
CA ASP A 364 -9.57 13.80 -22.93
C ASP A 364 -8.64 12.58 -22.90
N LYS A 365 -7.36 12.78 -23.18
CA LYS A 365 -6.37 11.70 -23.16
C LYS A 365 -6.24 11.08 -21.77
N ASN A 366 -6.06 11.91 -20.75
CA ASN A 366 -5.94 11.43 -19.37
C ASN A 366 -7.24 10.84 -18.82
N MET A 367 -8.37 11.46 -19.16
CA MET A 367 -9.71 10.97 -18.83
C MET A 367 -9.90 9.52 -19.32
N ILE A 368 -9.50 9.28 -20.57
CA ILE A 368 -9.59 7.96 -21.19
C ILE A 368 -8.61 6.97 -20.56
N ALA A 369 -7.40 7.42 -20.25
CA ALA A 369 -6.40 6.57 -19.57
C ALA A 369 -6.91 6.04 -18.23
N ARG A 370 -7.48 6.93 -17.41
CA ARG A 370 -8.03 6.56 -16.10
C ARG A 370 -9.31 5.72 -16.20
N LEU A 371 -10.19 6.07 -17.14
CA LEU A 371 -11.37 5.27 -17.43
C LEU A 371 -11.02 3.84 -17.86
N ASN A 372 -10.11 3.72 -18.84
CA ASN A 372 -9.69 2.41 -19.35
C ASN A 372 -8.86 1.63 -18.34
N GLY A 373 -7.87 2.29 -17.76
CA GLY A 373 -6.90 1.64 -16.89
C GLY A 373 -7.45 1.25 -15.54
N GLU A 374 -8.15 2.18 -14.89
CA GLU A 374 -8.58 1.98 -13.51
C GLU A 374 -10.02 1.46 -13.46
N LEU A 375 -10.95 2.13 -14.13
CA LEU A 375 -12.36 1.72 -14.03
C LEU A 375 -12.69 0.46 -14.82
N ALA A 376 -12.26 0.38 -16.08
CA ALA A 376 -12.53 -0.80 -16.91
C ALA A 376 -11.59 -1.98 -16.58
N ASP A 377 -10.28 -1.76 -16.64
CA ASP A 377 -9.30 -2.85 -16.48
C ASP A 377 -9.13 -3.35 -15.04
N THR A 378 -9.14 -2.44 -14.07
CA THR A 378 -8.91 -2.84 -12.68
C THR A 378 -10.23 -3.25 -12.04
N LEU A 379 -11.18 -2.32 -11.97
CA LEU A 379 -12.44 -2.59 -11.26
C LEU A 379 -13.39 -3.46 -12.09
N GLY A 380 -13.69 -3.03 -13.31
CA GLY A 380 -14.67 -3.71 -14.18
C GLY A 380 -14.35 -5.15 -14.50
N ASN A 381 -13.16 -5.38 -15.03
CA ASN A 381 -12.64 -6.74 -15.28
C ASN A 381 -12.76 -7.68 -14.10
N LEU A 382 -12.46 -7.16 -12.91
CA LEU A 382 -12.52 -7.94 -11.69
C LEU A 382 -13.94 -8.32 -11.30
N VAL A 383 -14.90 -7.42 -11.55
CA VAL A 383 -16.31 -7.70 -11.30
C VAL A 383 -16.83 -8.78 -12.26
N MET A 384 -16.40 -8.72 -13.53
CA MET A 384 -16.83 -9.70 -14.53
C MET A 384 -16.26 -11.10 -14.24
N ARG A 385 -14.98 -11.17 -13.89
CA ARG A 385 -14.31 -12.44 -13.56
C ARG A 385 -14.99 -13.22 -12.44
N CYS A 386 -15.25 -12.57 -11.31
CA CYS A 386 -15.81 -13.26 -10.15
C CYS A 386 -17.32 -13.55 -10.27
N THR A 387 -17.99 -12.96 -11.26
CA THR A 387 -19.41 -13.24 -11.54
C THR A 387 -19.64 -14.03 -12.83
N SER A 388 -18.58 -14.28 -13.61
CA SER A 388 -18.70 -15.00 -14.88
C SER A 388 -19.16 -16.44 -14.69
N ALA A 389 -19.96 -16.92 -15.65
CA ALA A 389 -20.48 -18.30 -15.65
C ALA A 389 -19.37 -19.34 -15.81
N LYS A 390 -18.30 -18.98 -16.52
CA LYS A 390 -17.14 -19.86 -16.70
C LYS A 390 -16.43 -20.17 -15.37
N ILE A 391 -16.28 -19.16 -14.51
CA ILE A 391 -15.51 -19.29 -13.26
C ILE A 391 -16.44 -19.60 -12.08
N ASN A 392 -17.48 -18.77 -11.92
CA ASN A 392 -18.49 -18.95 -10.87
C ASN A 392 -19.65 -19.76 -11.45
N VAL A 393 -19.45 -21.08 -11.54
CA VAL A 393 -20.39 -21.95 -12.25
C VAL A 393 -21.75 -22.10 -11.54
N ASN A 394 -21.76 -22.07 -10.21
CA ASN A 394 -23.01 -22.15 -9.44
C ASN A 394 -23.78 -20.83 -9.31
N GLY A 395 -23.20 -19.71 -9.75
CA GLY A 395 -23.84 -18.39 -9.62
C GLY A 395 -24.16 -18.01 -8.18
N GLU A 396 -23.22 -18.25 -7.28
CA GLU A 396 -23.39 -17.93 -5.86
C GLU A 396 -22.07 -17.61 -5.16
N TRP A 397 -22.18 -17.16 -3.91
CA TRP A 397 -21.04 -16.97 -3.02
C TRP A 397 -20.68 -18.33 -2.42
N PRO A 398 -19.49 -18.87 -2.77
CA PRO A 398 -19.12 -20.18 -2.23
C PRO A 398 -18.61 -20.08 -0.80
N SER A 399 -18.63 -21.22 -0.11
CA SER A 399 -18.07 -21.33 1.22
C SER A 399 -16.57 -21.62 1.08
N PRO A 400 -15.69 -20.83 1.74
CA PRO A 400 -14.26 -21.06 1.55
C PRO A 400 -13.74 -22.30 2.28
N ALA A 401 -12.75 -22.96 1.69
CA ALA A 401 -11.94 -23.98 2.38
C ALA A 401 -10.82 -23.27 3.15
N ALA A 402 -9.82 -24.01 3.61
CA ALA A 402 -8.73 -23.43 4.42
C ALA A 402 -7.91 -22.40 3.65
N TYR A 403 -7.45 -21.38 4.37
CA TYR A 403 -6.69 -20.28 3.76
C TYR A 403 -5.19 -20.56 3.78
N THR A 404 -4.52 -20.30 2.66
CA THR A 404 -3.06 -20.29 2.59
C THR A 404 -2.53 -18.96 3.15
N GLU A 405 -1.21 -18.81 3.25
CA GLU A 405 -0.61 -17.55 3.68
C GLU A 405 -0.82 -16.43 2.66
N GLU A 406 -0.81 -16.77 1.38
CA GLU A 406 -1.10 -15.78 0.34
C GLU A 406 -2.55 -15.27 0.44
N ASP A 407 -3.49 -16.19 0.67
CA ASP A 407 -4.88 -15.83 0.95
C ASP A 407 -4.98 -14.86 2.13
N GLU A 408 -4.33 -15.22 3.22
CA GLU A 408 -4.34 -14.41 4.44
C GLU A 408 -3.74 -13.01 4.22
N SER A 409 -2.73 -12.91 3.35
CA SER A 409 -2.12 -11.62 3.05
C SER A 409 -3.12 -10.70 2.35
N LEU A 410 -3.91 -11.25 1.42
CA LEU A 410 -4.95 -10.47 0.75
C LEU A 410 -6.13 -10.13 1.68
N ILE A 411 -6.55 -11.11 2.48
CA ILE A 411 -7.59 -10.91 3.48
C ILE A 411 -7.22 -9.75 4.44
N GLN A 412 -5.96 -9.69 4.85
CA GLN A 412 -5.48 -8.64 5.73
C GLN A 412 -5.59 -7.26 5.09
N LEU A 413 -5.27 -7.14 3.80
CA LEU A 413 -5.43 -5.88 3.08
C LEU A 413 -6.89 -5.43 3.06
N ILE A 414 -7.79 -6.38 2.80
CA ILE A 414 -9.22 -6.09 2.74
C ILE A 414 -9.74 -5.67 4.12
N LYS A 415 -9.30 -6.37 5.17
CA LYS A 415 -9.69 -6.02 6.55
C LYS A 415 -9.17 -4.66 7.00
N ASP A 416 -7.95 -4.30 6.59
CA ASP A 416 -7.36 -3.00 6.95
C ASP A 416 -7.96 -1.81 6.17
N LEU A 417 -8.52 -2.08 4.99
CA LEU A 417 -8.94 -1.02 4.10
C LEU A 417 -9.99 -0.05 4.71
N PRO A 418 -11.06 -0.58 5.32
CA PRO A 418 -12.07 0.36 5.87
C PRO A 418 -11.50 1.37 6.88
N GLY A 419 -10.66 0.91 7.79
CA GLY A 419 -10.01 1.81 8.73
C GLY A 419 -9.17 2.88 8.05
N THR A 420 -8.40 2.47 7.06
CA THR A 420 -7.54 3.36 6.29
C THR A 420 -8.34 4.39 5.50
N ALA A 421 -9.32 3.90 4.73
CA ALA A 421 -10.18 4.76 3.93
C ALA A 421 -11.02 5.72 4.78
N ASP A 422 -11.50 5.25 5.93
CA ASP A 422 -12.25 6.09 6.86
C ASP A 422 -11.42 7.29 7.31
N HIS A 423 -10.17 7.07 7.72
CA HIS A 423 -9.31 8.18 8.11
C HIS A 423 -9.13 9.20 6.99
N TYR A 424 -8.94 8.72 5.76
CA TYR A 424 -8.78 9.63 4.61
C TYR A 424 -10.04 10.43 4.32
N TYR A 425 -11.19 9.78 4.35
CA TYR A 425 -12.47 10.47 4.19
C TYR A 425 -12.72 11.55 5.26
N LEU A 426 -12.23 11.32 6.47
CA LEU A 426 -12.42 12.26 7.59
C LEU A 426 -11.45 13.44 7.64
N ILE A 427 -10.35 13.37 6.89
CA ILE A 427 -9.39 14.48 6.85
C ILE A 427 -10.05 15.84 6.48
N PRO A 428 -10.80 15.95 5.37
CA PRO A 428 -11.03 14.93 4.34
C PRO A 428 -10.01 15.00 3.20
N ASP A 429 -9.64 13.84 2.64
CA ASP A 429 -8.76 13.74 1.48
C ASP A 429 -9.29 12.59 0.61
N ILE A 430 -10.14 12.94 -0.32
CA ILE A 430 -10.87 11.97 -1.13
C ILE A 430 -9.94 11.27 -2.13
N GLN A 431 -8.96 12.01 -2.66
CA GLN A 431 -7.97 11.42 -3.57
C GLN A 431 -7.24 10.25 -2.92
N LYS A 432 -6.76 10.43 -1.69
CA LYS A 432 -6.07 9.35 -0.98
C LYS A 432 -6.99 8.17 -0.64
N ALA A 433 -8.24 8.45 -0.32
CA ALA A 433 -9.21 7.37 -0.08
C ALA A 433 -9.37 6.52 -1.34
N ILE A 434 -9.51 7.17 -2.49
CA ILE A 434 -9.66 6.46 -3.77
C ILE A 434 -8.41 5.62 -4.07
N ILE A 435 -7.23 6.22 -3.92
CA ILE A 435 -5.95 5.54 -4.16
C ILE A 435 -5.81 4.31 -3.27
N ALA A 436 -6.17 4.44 -1.99
CA ALA A 436 -6.11 3.31 -1.06
C ALA A 436 -7.03 2.15 -1.51
N VAL A 437 -8.23 2.48 -1.99
CA VAL A 437 -9.14 1.43 -2.46
C VAL A 437 -8.58 0.73 -3.70
N PHE A 438 -8.09 1.51 -4.65
CA PHE A 438 -7.49 0.94 -5.87
C PHE A 438 -6.19 0.17 -5.65
N ASP A 439 -5.42 0.50 -4.62
CA ASP A 439 -4.27 -0.33 -4.21
C ASP A 439 -4.73 -1.74 -3.81
N VAL A 440 -5.86 -1.83 -3.11
CA VAL A 440 -6.43 -3.12 -2.76
C VAL A 440 -7.01 -3.82 -3.99
N LEU A 441 -7.65 -3.07 -4.89
CA LEU A 441 -8.17 -3.66 -6.12
C LEU A 441 -7.05 -4.25 -7.00
N ARG A 442 -5.94 -3.53 -7.12
CA ARG A 442 -4.76 -4.05 -7.82
C ARG A 442 -4.22 -5.33 -7.18
N ALA A 443 -4.18 -5.36 -5.84
CA ALA A 443 -3.76 -6.56 -5.12
C ALA A 443 -4.68 -7.76 -5.37
N ILE A 444 -5.99 -7.52 -5.42
CA ILE A 444 -6.95 -8.59 -5.72
C ILE A 444 -6.72 -9.10 -7.15
N ASN A 445 -6.52 -8.19 -8.09
CA ASN A 445 -6.22 -8.58 -9.48
C ASN A 445 -4.98 -9.45 -9.61
N ALA A 446 -3.90 -9.05 -8.92
CA ALA A 446 -2.66 -9.83 -8.88
C ALA A 446 -2.89 -11.22 -8.32
N TYR A 447 -3.66 -11.29 -7.24
CA TYR A 447 -4.03 -12.57 -6.63
C TYR A 447 -4.82 -13.47 -7.58
N VAL A 448 -5.79 -12.91 -8.27
CA VAL A 448 -6.60 -13.66 -9.24
C VAL A 448 -5.71 -14.20 -10.39
N THR A 449 -4.79 -13.38 -10.87
CA THR A 449 -3.83 -13.78 -11.90
C THR A 449 -2.93 -14.93 -11.43
N ASP A 450 -2.38 -14.78 -10.23
CA ASP A 450 -1.59 -15.84 -9.57
C ASP A 450 -2.36 -17.15 -9.42
N MET A 451 -3.60 -17.08 -8.94
CA MET A 451 -4.39 -18.28 -8.66
C MET A 451 -5.02 -18.92 -9.89
N ALA A 452 -5.21 -18.13 -10.95
CA ALA A 452 -5.78 -18.61 -12.21
C ALA A 452 -7.06 -19.44 -12.03
N PRO A 453 -8.12 -18.84 -11.46
CA PRO A 453 -9.33 -19.61 -11.10
C PRO A 453 -10.04 -20.29 -12.30
N TRP A 454 -9.86 -19.75 -13.50
CA TRP A 454 -10.31 -20.40 -14.74
C TRP A 454 -9.73 -21.81 -14.97
N LYS A 455 -8.47 -22.04 -14.57
CA LYS A 455 -7.88 -23.38 -14.57
C LYS A 455 -8.43 -24.27 -13.43
N LEU A 456 -8.70 -23.66 -12.27
CA LEU A 456 -9.14 -24.39 -11.07
C LEU A 456 -10.54 -25.00 -11.15
N VAL A 457 -11.36 -24.61 -12.13
CA VAL A 457 -12.71 -25.19 -12.28
C VAL A 457 -12.59 -26.69 -12.52
N LYS A 458 -11.67 -27.09 -13.40
CA LYS A 458 -11.39 -28.51 -13.66
C LYS A 458 -10.49 -29.14 -12.60
N THR A 459 -9.37 -28.48 -12.31
CA THR A 459 -8.27 -29.08 -11.56
C THR A 459 -8.48 -29.21 -10.04
N ASP A 460 -9.07 -28.19 -9.41
CA ASP A 460 -9.21 -28.15 -7.95
C ASP A 460 -10.43 -27.31 -7.51
N PRO A 461 -11.65 -27.89 -7.60
CA PRO A 461 -12.87 -27.21 -7.18
C PRO A 461 -12.87 -26.68 -5.74
N GLU A 462 -12.30 -27.42 -4.79
CA GLU A 462 -12.21 -26.98 -3.39
C GLU A 462 -11.38 -25.69 -3.25
N ARG A 463 -10.28 -25.60 -4.00
CA ARG A 463 -9.42 -24.43 -3.98
C ARG A 463 -10.10 -23.21 -4.61
N LEU A 464 -10.84 -23.43 -5.69
CA LEU A 464 -11.58 -22.36 -6.35
C LEU A 464 -12.60 -21.69 -5.41
N ARG A 465 -13.27 -22.48 -4.58
CA ARG A 465 -14.22 -21.94 -3.60
C ARG A 465 -13.57 -20.85 -2.72
N THR A 466 -12.36 -21.13 -2.24
CA THR A 466 -11.61 -20.21 -1.40
C THR A 466 -11.22 -18.95 -2.16
N VAL A 467 -10.69 -19.14 -3.37
CA VAL A 467 -10.22 -18.04 -4.21
C VAL A 467 -11.37 -17.12 -4.61
N LEU A 468 -12.46 -17.74 -5.01
CA LEU A 468 -13.65 -17.02 -5.47
C LEU A 468 -14.32 -16.26 -4.32
N TYR A 469 -14.42 -16.87 -3.16
CA TYR A 469 -14.99 -16.22 -1.99
C TYR A 469 -14.22 -14.95 -1.59
N ILE A 470 -12.90 -15.06 -1.53
CA ILE A 470 -12.02 -13.92 -1.19
C ILE A 470 -12.15 -12.81 -2.23
N THR A 471 -12.23 -13.17 -3.49
CA THR A 471 -12.39 -12.20 -4.57
C THR A 471 -13.72 -11.45 -4.46
N LEU A 472 -14.80 -12.20 -4.28
CA LEU A 472 -16.14 -11.62 -4.11
C LEU A 472 -16.17 -10.64 -2.93
N GLU A 473 -15.58 -11.06 -1.82
CA GLU A 473 -15.58 -10.24 -0.62
C GLU A 473 -14.70 -9.00 -0.74
N GLY A 474 -13.57 -9.11 -1.43
CA GLY A 474 -12.74 -7.95 -1.72
C GLY A 474 -13.43 -6.95 -2.64
N VAL A 475 -14.16 -7.45 -3.63
CA VAL A 475 -14.93 -6.60 -4.53
C VAL A 475 -16.07 -5.90 -3.77
N ARG A 476 -16.73 -6.61 -2.87
CA ARG A 476 -17.81 -6.02 -2.07
C ARG A 476 -17.33 -4.86 -1.20
N VAL A 477 -16.27 -5.10 -0.43
CA VAL A 477 -15.74 -4.11 0.50
C VAL A 477 -15.20 -2.88 -0.22
N THR A 478 -14.44 -3.09 -1.31
CA THR A 478 -13.93 -1.98 -2.11
C THR A 478 -15.06 -1.18 -2.75
N THR A 479 -16.08 -1.87 -3.25
CA THR A 479 -17.24 -1.23 -3.86
C THR A 479 -18.04 -0.40 -2.85
N LEU A 480 -18.19 -0.92 -1.64
CA LEU A 480 -18.82 -0.18 -0.57
C LEU A 480 -18.11 1.15 -0.28
N LEU A 481 -16.78 1.09 -0.17
CA LEU A 481 -15.99 2.30 0.09
C LEU A 481 -15.88 3.26 -1.09
N LEU A 482 -16.10 2.76 -2.31
CA LEU A 482 -16.19 3.60 -3.50
C LEU A 482 -17.60 4.10 -3.81
N SER A 483 -18.62 3.64 -3.08
CA SER A 483 -20.00 4.02 -3.38
C SER A 483 -20.32 5.53 -3.20
N PRO A 484 -19.61 6.25 -2.30
CA PRO A 484 -19.76 7.71 -2.34
C PRO A 484 -19.23 8.38 -3.61
N ILE A 485 -18.25 7.75 -4.27
CA ILE A 485 -17.62 8.27 -5.50
C ILE A 485 -18.38 7.83 -6.76
N LEU A 486 -18.82 6.57 -6.77
CA LEU A 486 -19.48 5.95 -7.91
C LEU A 486 -20.84 5.43 -7.45
N PRO A 487 -21.76 6.33 -7.11
CA PRO A 487 -23.01 5.90 -6.47
C PRO A 487 -23.93 5.03 -7.34
N ARG A 488 -24.02 5.33 -8.63
CA ARG A 488 -24.85 4.54 -9.55
C ARG A 488 -24.20 3.21 -9.92
N LYS A 489 -22.91 3.24 -10.26
CA LYS A 489 -22.18 2.02 -10.62
C LYS A 489 -22.03 1.05 -9.46
N SER A 490 -21.93 1.55 -8.24
CA SER A 490 -21.88 0.69 -7.05
C SER A 490 -23.16 -0.13 -6.89
N VAL A 491 -24.31 0.46 -7.24
CA VAL A 491 -25.59 -0.26 -7.20
C VAL A 491 -25.59 -1.39 -8.22
N VAL A 492 -25.11 -1.13 -9.43
CA VAL A 492 -25.01 -2.16 -10.46
C VAL A 492 -24.10 -3.31 -9.99
N ILE A 493 -22.95 -2.97 -9.41
CA ILE A 493 -22.00 -3.97 -8.91
C ILE A 493 -22.64 -4.82 -7.81
N PHE A 494 -23.28 -4.17 -6.85
CA PHE A 494 -23.95 -4.91 -5.77
C PHE A 494 -25.07 -5.81 -6.27
N ASP A 495 -25.80 -5.37 -7.30
CA ASP A 495 -26.85 -6.19 -7.93
C ASP A 495 -26.25 -7.43 -8.59
N MET A 496 -25.17 -7.26 -9.37
CA MET A 496 -24.44 -8.39 -9.98
C MET A 496 -23.95 -9.40 -8.93
N LEU A 497 -23.39 -8.89 -7.84
CA LEU A 497 -22.95 -9.74 -6.73
C LEU A 497 -24.09 -10.35 -5.91
N GLY A 498 -25.31 -9.80 -6.05
CA GLY A 498 -26.47 -10.25 -5.31
C GLY A 498 -26.39 -9.87 -3.84
N VAL A 499 -25.78 -8.72 -3.53
CA VAL A 499 -25.65 -8.25 -2.15
C VAL A 499 -27.00 -7.70 -1.71
N PRO A 500 -27.61 -8.26 -0.66
CA PRO A 500 -28.85 -7.68 -0.13
C PRO A 500 -28.71 -6.21 0.26
N GLU A 501 -29.81 -5.46 0.13
CA GLU A 501 -29.84 -4.03 0.46
C GLU A 501 -29.30 -3.70 1.85
N VAL A 502 -29.69 -4.48 2.84
CA VAL A 502 -29.22 -4.26 4.22
C VAL A 502 -27.70 -4.23 4.33
N HIS A 503 -27.01 -5.03 3.51
CA HIS A 503 -25.54 -5.09 3.51
C HIS A 503 -24.84 -3.99 2.68
N ARG A 504 -25.59 -3.06 2.08
CA ARG A 504 -25.02 -1.98 1.27
C ARG A 504 -24.71 -0.69 2.03
N LYS A 505 -24.98 -0.65 3.33
CA LYS A 505 -24.57 0.47 4.17
C LYS A 505 -24.40 0.01 5.61
N GLY A 506 -23.84 0.88 6.44
CA GLY A 506 -23.65 0.63 7.85
C GLY A 506 -22.26 0.13 8.13
N ILE A 507 -21.63 0.67 9.17
CA ILE A 507 -20.26 0.28 9.56
C ILE A 507 -20.12 -1.21 9.83
N GLU A 508 -21.20 -1.86 10.27
CA GLU A 508 -21.21 -3.33 10.44
C GLU A 508 -20.79 -4.08 9.18
N ASN A 509 -21.14 -3.54 8.02
CA ASN A 509 -20.82 -4.17 6.75
C ASN A 509 -19.45 -3.80 6.14
N PHE A 510 -18.66 -3.00 6.86
CA PHE A 510 -17.27 -2.76 6.51
C PHE A 510 -16.41 -4.00 6.87
N GLU A 511 -16.87 -4.81 7.82
CA GLU A 511 -16.16 -6.03 8.22
C GLU A 511 -16.13 -7.12 7.16
N PHE A 512 -14.99 -7.80 7.07
CA PHE A 512 -14.80 -8.94 6.18
C PHE A 512 -15.72 -10.08 6.61
N GLY A 513 -16.46 -10.64 5.65
CA GLY A 513 -17.35 -11.78 5.89
C GLY A 513 -18.83 -11.47 6.16
N ALA A 514 -19.29 -10.26 5.81
CA ALA A 514 -20.65 -9.82 6.14
C ALA A 514 -21.75 -10.45 5.26
N VAL A 515 -21.39 -10.85 4.05
CA VAL A 515 -22.33 -11.54 3.15
C VAL A 515 -22.08 -13.05 3.24
N PRO A 516 -23.08 -13.81 3.72
CA PRO A 516 -22.84 -15.24 3.97
C PRO A 516 -22.69 -16.07 2.68
N PRO A 517 -21.91 -17.17 2.74
CA PRO A 517 -21.90 -18.15 1.65
C PRO A 517 -23.30 -18.71 1.39
N GLY A 518 -23.61 -18.93 0.11
CA GLY A 518 -24.95 -19.37 -0.30
C GLY A 518 -25.75 -18.27 -0.99
N THR A 519 -25.39 -17.01 -0.73
CA THR A 519 -26.02 -15.85 -1.38
C THR A 519 -25.94 -16.00 -2.89
N ARG A 520 -27.08 -15.94 -3.56
CA ARG A 520 -27.14 -16.10 -5.02
C ARG A 520 -26.75 -14.79 -5.69
N LEU A 521 -25.99 -14.88 -6.77
CA LEU A 521 -25.65 -13.73 -7.59
C LEU A 521 -26.90 -13.20 -8.29
N GLY A 522 -26.88 -11.95 -8.70
CA GLY A 522 -27.98 -11.37 -9.47
C GLY A 522 -27.90 -11.83 -10.90
N PRO A 523 -29.01 -11.68 -11.66
CA PRO A 523 -29.05 -12.18 -13.04
C PRO A 523 -28.13 -11.39 -13.98
N ALA A 524 -27.65 -12.06 -15.02
CA ALA A 524 -26.83 -11.42 -16.07
C ALA A 524 -27.72 -10.97 -17.23
N VAL A 525 -27.23 -10.04 -18.03
CA VAL A 525 -27.89 -9.57 -19.26
C VAL A 525 -27.23 -10.20 -20.49
N GLU A 528 -23.84 -6.25 -21.82
CA GLU A 528 -23.58 -6.08 -20.39
C GLU A 528 -22.14 -5.64 -20.14
N VAL A 529 -21.96 -4.32 -20.03
CA VAL A 529 -20.66 -3.72 -19.67
C VAL A 529 -20.86 -2.72 -18.54
N LEU A 530 -19.92 -2.72 -17.60
CA LEU A 530 -19.96 -1.84 -16.43
C LEU A 530 -19.31 -0.51 -16.78
N PHE A 531 -18.09 -0.56 -17.32
CA PHE A 531 -17.42 0.58 -17.94
C PHE A 531 -16.87 0.11 -19.28
N SER A 532 -17.34 0.73 -20.37
CA SER A 532 -16.86 0.39 -21.70
C SER A 532 -15.63 1.24 -22.05
N LYS A 533 -14.58 0.60 -22.54
CA LYS A 533 -13.35 1.28 -22.94
C LYS A 533 -13.57 2.15 -24.18
N ARG A 534 -12.70 3.13 -24.40
CA ARG A 534 -12.76 4.03 -25.56
C ARG A 534 -11.40 4.16 -26.25
N SER A 535 -11.42 4.68 -27.47
CA SER A 535 -10.24 4.73 -28.34
C SER A 535 -9.22 5.78 -27.89
N GLY B 1 -4.21 -4.97 11.40
CA GLY B 1 -4.45 -6.04 12.43
C GLY B 1 -3.16 -6.73 12.85
N PRO B 2 -3.25 -7.64 13.83
CA PRO B 2 -2.05 -8.37 14.25
C PRO B 2 -1.64 -9.37 13.19
N GLY B 3 -0.34 -9.62 13.09
CA GLY B 3 0.19 -10.69 12.26
C GLY B 3 0.07 -12.02 12.97
N SER B 4 0.69 -13.05 12.40
CA SER B 4 0.65 -14.38 12.98
C SER B 4 1.50 -14.44 14.25
N MET B 5 1.11 -15.32 15.17
CA MET B 5 1.88 -15.50 16.40
C MET B 5 3.14 -16.31 16.12
N LYS B 6 4.01 -16.36 17.12
CA LYS B 6 5.25 -17.10 17.02
C LYS B 6 4.94 -18.60 16.93
N VAL B 7 5.72 -19.33 16.12
CA VAL B 7 5.70 -20.79 16.18
C VAL B 7 6.28 -21.27 17.52
N GLU B 8 5.81 -22.42 18.00
CA GLU B 8 6.31 -23.05 19.23
C GLU B 8 7.63 -23.86 19.03
N LYS B 9 7.77 -24.49 17.86
CA LYS B 9 8.99 -25.26 17.53
C LYS B 9 10.13 -24.33 17.13
N VAL B 10 11.30 -24.89 16.84
CA VAL B 10 12.39 -24.10 16.30
C VAL B 10 12.11 -23.93 14.79
N PHE B 11 12.15 -22.67 14.34
CA PHE B 11 11.91 -22.36 12.93
C PHE B 11 13.10 -22.82 12.12
N PHE B 12 12.86 -23.76 11.22
CA PHE B 12 13.92 -24.47 10.51
C PHE B 12 13.83 -24.05 9.05
N VAL B 13 14.86 -23.35 8.59
CA VAL B 13 14.93 -22.83 7.24
C VAL B 13 16.24 -23.28 6.60
N THR B 14 16.17 -23.69 5.34
CA THR B 14 17.32 -24.30 4.66
C THR B 14 17.55 -23.67 3.30
N SER B 15 18.81 -23.73 2.85
CA SER B 15 19.16 -23.49 1.46
C SER B 15 19.49 -24.84 0.85
N PRO B 16 19.67 -24.89 -0.48
CA PRO B 16 20.18 -26.15 -1.04
C PRO B 16 21.62 -26.33 -0.57
N ILE B 17 22.12 -27.56 -0.64
CA ILE B 17 23.56 -27.79 -0.46
C ILE B 17 24.16 -27.79 -1.85
N TYR B 18 25.28 -27.10 -2.00
CA TYR B 18 25.82 -26.77 -3.32
C TYR B 18 26.94 -27.72 -3.72
N TYR B 19 26.97 -28.11 -4.99
CA TYR B 19 27.98 -29.02 -5.53
C TYR B 19 29.35 -28.36 -5.59
N VAL B 20 30.37 -29.05 -5.13
CA VAL B 20 31.71 -28.44 -4.96
C VAL B 20 32.64 -28.60 -6.18
N ASN B 21 32.05 -28.87 -7.35
CA ASN B 21 32.73 -28.83 -8.65
C ASN B 21 32.69 -27.42 -9.31
N ALA B 22 32.15 -26.43 -8.62
CA ALA B 22 32.19 -25.02 -9.04
C ALA B 22 32.63 -24.17 -7.84
N ALA B 23 33.31 -23.04 -8.06
CA ALA B 23 33.57 -22.07 -6.99
C ALA B 23 32.26 -21.33 -6.70
N PRO B 24 32.15 -20.70 -5.52
CA PRO B 24 30.93 -19.92 -5.23
C PRO B 24 30.65 -18.81 -6.27
N HIS B 25 29.40 -18.66 -6.69
CA HIS B 25 28.95 -17.65 -7.66
C HIS B 25 27.59 -17.07 -7.19
N ILE B 26 27.01 -16.14 -7.97
CA ILE B 26 25.82 -15.38 -7.59
C ILE B 26 24.60 -16.26 -7.24
N GLY B 27 24.34 -17.29 -8.03
CA GLY B 27 23.34 -18.30 -7.73
C GLY B 27 23.35 -18.84 -6.30
N HIS B 28 24.54 -19.22 -5.82
CA HIS B 28 24.69 -19.77 -4.47
C HIS B 28 24.45 -18.68 -3.43
N VAL B 29 25.03 -17.51 -3.68
CA VAL B 29 24.87 -16.33 -2.83
C VAL B 29 23.40 -15.90 -2.71
N TYR B 30 22.69 -15.95 -3.84
CA TYR B 30 21.28 -15.55 -3.88
C TYR B 30 20.39 -16.52 -3.10
N SER B 31 20.55 -17.82 -3.34
CA SER B 31 19.80 -18.85 -2.59
C SER B 31 20.00 -18.72 -1.09
N THR B 32 21.26 -18.61 -0.68
CA THR B 32 21.61 -18.51 0.74
C THR B 32 21.16 -17.16 1.36
N LEU B 33 21.13 -16.09 0.55
CA LEU B 33 20.60 -14.79 1.01
C LEU B 33 19.14 -14.91 1.43
N ILE B 34 18.34 -15.56 0.59
CA ILE B 34 16.91 -15.74 0.87
C ILE B 34 16.73 -16.53 2.16
N THR B 35 17.46 -17.63 2.28
CA THR B 35 17.50 -18.43 3.50
C THR B 35 17.85 -17.57 4.71
N ASP B 36 18.89 -16.76 4.56
CA ASP B 36 19.37 -15.90 5.64
C ASP B 36 18.35 -14.86 6.08
N VAL B 37 17.68 -14.23 5.11
CA VAL B 37 16.66 -13.23 5.39
C VAL B 37 15.46 -13.82 6.13
N ILE B 38 14.98 -14.97 5.66
CA ILE B 38 13.88 -15.66 6.33
C ILE B 38 14.30 -16.00 7.76
N GLY B 39 15.52 -16.50 7.92
CA GLY B 39 16.03 -16.79 9.26
C GLY B 39 16.03 -15.57 10.15
N ARG B 40 16.56 -14.47 9.62
CA ARG B 40 16.67 -13.22 10.38
C ARG B 40 15.30 -12.64 10.75
N TYR B 41 14.32 -12.73 9.86
CA TYR B 41 12.98 -12.24 10.19
C TYR B 41 12.39 -12.96 11.39
N HIS B 42 12.55 -14.27 11.42
CA HIS B 42 11.99 -15.06 12.50
C HIS B 42 12.73 -14.85 13.82
N ARG B 43 14.03 -14.56 13.77
CA ARG B 43 14.79 -14.15 14.96
C ARG B 43 14.32 -12.82 15.50
N VAL B 44 14.12 -11.86 14.61
CA VAL B 44 13.61 -10.54 14.99
C VAL B 44 12.23 -10.65 15.63
N LYS B 45 11.42 -11.58 15.12
CA LYS B 45 10.10 -11.89 15.67
C LYS B 45 10.16 -12.48 17.08
N GLY B 46 11.30 -13.02 17.47
CA GLY B 46 11.51 -13.58 18.80
C GLY B 46 11.43 -15.09 18.86
N GLU B 47 11.45 -15.74 17.70
CA GLU B 47 11.42 -17.19 17.64
C GLU B 47 12.82 -17.76 17.71
N ARG B 48 12.90 -19.01 18.14
CA ARG B 48 14.10 -19.81 17.95
C ARG B 48 14.20 -20.18 16.47
N VAL B 49 15.42 -20.05 15.93
CA VAL B 49 15.69 -20.27 14.51
C VAL B 49 16.92 -21.15 14.34
N PHE B 50 16.83 -22.07 13.39
CA PHE B 50 17.98 -22.82 12.91
C PHE B 50 18.01 -22.71 11.39
N ALA B 51 19.00 -21.98 10.87
CA ALA B 51 19.17 -21.79 9.45
C ALA B 51 20.35 -22.64 8.97
N LEU B 52 20.11 -23.42 7.91
CA LEU B 52 21.06 -24.42 7.45
C LEU B 52 21.47 -24.14 6.01
N THR B 53 22.76 -24.26 5.73
CA THR B 53 23.28 -24.25 4.36
C THR B 53 24.40 -25.28 4.31
N GLY B 54 25.02 -25.48 3.14
CA GLY B 54 26.14 -26.42 3.08
C GLY B 54 26.61 -26.85 1.71
N THR B 55 27.39 -27.93 1.69
CA THR B 55 27.99 -28.44 0.46
C THR B 55 27.72 -29.92 0.21
N ASP B 56 27.53 -30.23 -1.06
CA ASP B 56 27.25 -31.55 -1.59
C ASP B 56 28.58 -32.03 -2.23
N GLU B 57 29.21 -33.04 -1.65
CA GLU B 57 30.63 -33.36 -1.91
C GLU B 57 30.95 -34.67 -2.62
N HIS B 58 29.98 -35.57 -2.75
CA HIS B 58 30.21 -36.87 -3.37
C HIS B 58 29.92 -36.88 -4.87
N GLY B 59 30.29 -37.97 -5.53
CA GLY B 59 29.90 -38.21 -6.92
C GLY B 59 31.00 -38.18 -7.93
N GLN B 60 30.62 -38.61 -9.13
CA GLN B 60 31.55 -38.78 -10.25
C GLN B 60 32.24 -37.49 -10.66
N LYS B 61 31.46 -36.42 -10.83
CA LYS B 61 31.98 -35.15 -11.30
C LYS B 61 32.93 -34.49 -10.30
N VAL B 62 32.70 -34.68 -9.00
CA VAL B 62 33.62 -34.18 -7.99
C VAL B 62 34.95 -34.94 -8.03
N ALA B 63 34.89 -36.27 -8.10
CA ALA B 63 36.10 -37.11 -8.14
C ALA B 63 36.96 -36.86 -9.37
N GLU B 64 36.33 -36.67 -10.53
CA GLU B 64 37.05 -36.36 -11.77
C GLU B 64 37.74 -34.98 -11.71
N ALA B 65 37.07 -34.00 -11.12
CA ALA B 65 37.65 -32.67 -10.90
C ALA B 65 38.85 -32.74 -9.98
N ALA B 66 38.76 -33.54 -8.93
CA ALA B 66 39.89 -33.78 -8.03
C ALA B 66 41.07 -34.46 -8.75
N LYS B 67 40.78 -35.42 -9.62
CA LYS B 67 41.82 -36.09 -10.41
C LYS B 67 42.56 -35.12 -11.34
N GLN B 68 41.81 -34.23 -12.00
CA GLN B 68 42.42 -33.20 -12.85
C GLN B 68 43.40 -32.28 -12.11
N LYS B 69 43.05 -31.88 -10.89
CA LYS B 69 43.92 -31.07 -10.03
C LYS B 69 45.00 -31.89 -9.32
N GLN B 70 44.97 -33.21 -9.48
CA GLN B 70 45.97 -34.13 -8.89
C GLN B 70 46.03 -34.01 -7.37
N VAL B 71 44.85 -34.02 -6.77
CA VAL B 71 44.67 -34.02 -5.31
C VAL B 71 43.63 -35.10 -5.00
N SER B 72 43.63 -35.59 -3.77
CA SER B 72 42.62 -36.55 -3.33
C SER B 72 41.24 -35.87 -3.27
N PRO B 73 40.16 -36.62 -3.52
CA PRO B 73 38.81 -36.05 -3.39
C PRO B 73 38.53 -35.39 -2.03
N TYR B 74 39.04 -36.01 -0.96
CA TYR B 74 38.95 -35.47 0.39
C TYR B 74 39.56 -34.06 0.51
N ASP B 75 40.75 -33.87 -0.02
CA ASP B 75 41.43 -32.56 -0.01
C ASP B 75 40.73 -31.53 -0.92
N PHE B 76 40.31 -31.97 -2.10
CA PHE B 76 39.60 -31.11 -3.04
C PHE B 76 38.30 -30.56 -2.44
N THR B 77 37.47 -31.45 -1.89
CA THR B 77 36.18 -31.06 -1.33
C THR B 77 36.36 -30.18 -0.10
N THR B 78 37.35 -30.47 0.73
CA THR B 78 37.67 -29.62 1.89
C THR B 78 38.08 -28.20 1.48
N ALA B 79 38.88 -28.09 0.42
CA ALA B 79 39.30 -26.79 -0.10
C ALA B 79 38.12 -25.98 -0.64
N VAL B 80 37.32 -26.59 -1.52
CA VAL B 80 36.19 -25.89 -2.13
C VAL B 80 35.15 -25.55 -1.06
N ALA B 81 34.90 -26.47 -0.13
CA ALA B 81 34.02 -26.17 1.00
C ALA B 81 34.48 -24.94 1.79
N GLY B 82 35.79 -24.80 1.97
CA GLY B 82 36.39 -23.62 2.60
C GLY B 82 36.10 -22.33 1.85
N GLU B 83 36.14 -22.39 0.52
CA GLU B 83 35.79 -21.24 -0.33
C GLU B 83 34.33 -20.81 -0.13
N PHE B 84 33.42 -21.78 -0.04
CA PHE B 84 32.01 -21.48 0.22
C PHE B 84 31.82 -20.85 1.60
N LYS B 85 32.46 -21.43 2.62
CA LYS B 85 32.44 -20.88 3.97
C LYS B 85 32.96 -19.44 4.03
N LYS B 86 34.08 -19.18 3.35
CA LYS B 86 34.68 -17.83 3.30
C LYS B 86 33.74 -16.85 2.60
N CYS B 87 33.14 -17.27 1.49
CA CYS B 87 32.20 -16.45 0.74
C CYS B 87 31.02 -16.01 1.59
N PHE B 88 30.42 -16.96 2.32
CA PHE B 88 29.27 -16.66 3.16
C PHE B 88 29.62 -15.83 4.40
N GLU B 89 30.85 -15.95 4.91
CA GLU B 89 31.36 -15.05 5.95
C GLU B 89 31.50 -13.62 5.40
N GLN B 90 32.08 -13.50 4.20
CA GLN B 90 32.23 -12.20 3.52
C GLN B 90 30.88 -11.51 3.25
N MET B 91 29.90 -12.30 2.80
CA MET B 91 28.54 -11.81 2.57
C MET B 91 27.77 -11.45 3.86
N ASP B 92 28.29 -11.83 5.02
CA ASP B 92 27.77 -11.42 6.32
C ASP B 92 26.38 -12.02 6.57
N TYR B 93 26.25 -13.32 6.31
CA TYR B 93 25.05 -14.07 6.66
C TYR B 93 25.10 -14.49 8.12
N SER B 94 23.97 -14.97 8.61
CA SER B 94 23.84 -15.45 9.98
C SER B 94 23.26 -16.85 9.93
N ILE B 95 24.02 -17.74 9.30
CA ILE B 95 23.65 -19.15 9.15
C ILE B 95 24.12 -19.91 10.38
N ASP B 96 23.26 -20.75 10.93
CA ASP B 96 23.57 -21.45 12.18
C ASP B 96 24.47 -22.66 12.00
N TYR B 97 24.40 -23.33 10.87
CA TYR B 97 25.27 -24.47 10.62
C TYR B 97 25.54 -24.67 9.14
N PHE B 98 26.78 -25.01 8.85
CA PHE B 98 27.25 -25.29 7.50
C PHE B 98 27.52 -26.80 7.43
N ILE B 99 26.63 -27.54 6.77
CA ILE B 99 26.75 -29.01 6.69
C ILE B 99 27.54 -29.45 5.46
N ARG B 100 28.29 -30.53 5.61
CA ARG B 100 29.06 -31.15 4.52
C ARG B 100 28.68 -32.62 4.43
N THR B 101 28.42 -33.11 3.24
CA THR B 101 27.98 -34.49 3.08
C THR B 101 29.07 -35.54 3.35
N THR B 102 30.33 -35.13 3.38
CA THR B 102 31.44 -35.98 3.86
C THR B 102 31.45 -36.22 5.37
N ASN B 103 30.65 -35.45 6.10
CA ASN B 103 30.56 -35.59 7.54
C ASN B 103 30.06 -36.98 7.94
N GLU B 104 30.71 -37.58 8.92
CA GLU B 104 30.41 -38.96 9.34
C GLU B 104 29.02 -39.10 9.95
N GLN B 105 28.55 -38.07 10.63
CA GLN B 105 27.20 -38.08 11.20
C GLN B 105 26.13 -38.04 10.10
N HIS B 106 26.39 -37.28 9.04
CA HIS B 106 25.52 -37.32 7.86
C HIS B 106 25.45 -38.71 7.22
N LYS B 107 26.59 -39.36 7.06
CA LYS B 107 26.63 -40.71 6.47
C LYS B 107 25.82 -41.71 7.30
N ALA B 108 25.92 -41.60 8.63
CA ALA B 108 25.11 -42.43 9.54
C ALA B 108 23.62 -42.25 9.33
N VAL B 109 23.19 -41.00 9.16
CA VAL B 109 21.77 -40.69 8.95
C VAL B 109 21.29 -41.23 7.60
N VAL B 110 22.12 -41.09 6.55
CA VAL B 110 21.82 -41.64 5.23
C VAL B 110 21.63 -43.16 5.32
N LYS B 111 22.51 -43.84 6.06
CA LYS B 111 22.41 -45.29 6.25
C LYS B 111 21.15 -45.68 7.01
N GLU B 112 20.81 -44.95 8.08
CA GLU B 112 19.55 -45.18 8.83
C GLU B 112 18.34 -45.04 7.93
N LEU B 113 18.30 -43.97 7.14
CA LEU B 113 17.17 -43.70 6.29
C LEU B 113 17.05 -44.75 5.19
N TRP B 114 18.18 -45.09 4.57
CA TRP B 114 18.23 -46.17 3.58
C TRP B 114 17.64 -47.46 4.13
N THR B 115 18.14 -47.89 5.27
CA THR B 115 17.71 -49.12 5.93
C THR B 115 16.21 -49.10 6.24
N LYS B 116 15.71 -47.96 6.72
CA LYS B 116 14.28 -47.81 7.01
C LYS B 116 13.47 -48.03 5.74
N LEU B 117 13.85 -47.35 4.66
CA LEU B 117 13.18 -47.49 3.36
C LEU B 117 13.22 -48.91 2.83
N GLU B 118 14.35 -49.59 3.03
CA GLU B 118 14.51 -50.97 2.61
C GLU B 118 13.61 -51.91 3.44
N GLN B 119 13.59 -51.74 4.76
CA GLN B 119 12.68 -52.52 5.63
C GLN B 119 11.19 -52.32 5.31
N LYS B 120 10.80 -51.11 4.90
CA LYS B 120 9.43 -50.81 4.46
C LYS B 120 9.01 -51.52 3.15
N GLY B 121 9.97 -52.11 2.41
CA GLY B 121 9.71 -52.70 1.12
C GLY B 121 9.68 -51.68 -0.01
N ASP B 122 10.21 -50.48 0.23
CA ASP B 122 10.18 -49.39 -0.76
C ASP B 122 11.47 -49.22 -1.56
N ILE B 123 12.55 -49.87 -1.13
CA ILE B 123 13.75 -50.03 -1.96
C ILE B 123 13.90 -51.49 -2.15
N TYR B 124 14.05 -51.90 -3.41
CA TYR B 124 14.37 -53.29 -3.71
C TYR B 124 15.55 -53.38 -4.66
N LEU B 125 16.22 -54.52 -4.63
CA LEU B 125 17.35 -54.80 -5.49
C LEU B 125 16.86 -55.50 -6.75
N GLY B 126 17.22 -54.95 -7.91
CA GLY B 126 16.84 -55.53 -9.19
C GLY B 126 18.01 -55.58 -10.14
N ARG B 127 17.93 -56.47 -11.13
CA ARG B 127 18.94 -56.55 -12.18
C ARG B 127 18.36 -55.76 -13.32
N TYR B 128 19.07 -54.72 -13.73
CA TYR B 128 18.67 -53.93 -14.88
C TYR B 128 19.45 -54.45 -16.06
N GLU B 129 18.75 -54.70 -17.15
CA GLU B 129 19.32 -55.21 -18.39
C GLU B 129 18.87 -54.27 -19.50
N GLY B 130 19.78 -53.42 -19.97
CA GLY B 130 19.43 -52.33 -20.89
C GLY B 130 20.59 -51.40 -21.17
N TRP B 131 20.30 -50.28 -21.85
CA TRP B 131 21.32 -49.29 -22.18
C TRP B 131 21.61 -48.35 -21.02
N TYR B 132 22.86 -47.88 -20.95
CA TYR B 132 23.33 -46.98 -19.90
C TYR B 132 24.39 -46.01 -20.43
N SER B 133 24.23 -44.72 -20.15
CA SER B 133 25.26 -43.73 -20.43
C SER B 133 26.08 -43.45 -19.16
N ILE B 134 27.35 -43.79 -19.19
CA ILE B 134 28.25 -43.57 -18.05
C ILE B 134 28.47 -42.07 -17.80
N SER B 135 28.65 -41.29 -18.87
CA SER B 135 28.88 -39.84 -18.76
C SER B 135 27.68 -39.07 -18.17
N ASP B 136 26.45 -39.48 -18.55
CA ASP B 136 25.22 -38.89 -18.00
C ASP B 136 24.74 -39.59 -16.73
N GLU B 137 25.35 -40.73 -16.39
CA GLU B 137 24.96 -41.57 -15.25
C GLU B 137 23.47 -41.93 -15.35
N SER B 138 23.05 -42.28 -16.56
CA SER B 138 21.62 -42.31 -16.92
C SER B 138 21.26 -43.64 -17.59
N PHE B 139 20.14 -44.21 -17.15
CA PHE B 139 19.53 -45.35 -17.83
C PHE B 139 18.69 -44.85 -19.01
N LEU B 140 18.75 -45.55 -20.13
CA LEU B 140 18.06 -45.15 -21.36
C LEU B 140 17.34 -46.33 -22.01
N THR B 141 16.17 -46.08 -22.58
CA THR B 141 15.42 -47.09 -23.34
C THR B 141 15.98 -47.14 -24.76
N PRO B 142 15.62 -48.18 -25.55
CA PRO B 142 16.12 -48.24 -26.94
C PRO B 142 15.70 -47.07 -27.85
N GLN B 143 14.58 -46.40 -27.55
CA GLN B 143 14.14 -45.24 -28.34
C GLN B 143 14.98 -43.97 -28.11
N ASN B 144 15.76 -43.94 -27.03
CA ASN B 144 16.66 -42.83 -26.73
C ASN B 144 18.11 -43.02 -27.22
N ILE B 145 18.35 -44.06 -28.03
CA ILE B 145 19.68 -44.36 -28.59
C ILE B 145 19.66 -44.27 -30.11
N THR B 146 20.81 -43.95 -30.70
CA THR B 146 21.03 -43.97 -32.16
C THR B 146 22.50 -44.35 -32.42
N ASP B 147 22.88 -44.47 -33.70
CA ASP B 147 24.26 -44.79 -34.08
C ASP B 147 25.15 -43.55 -34.06
N GLY B 148 26.45 -43.76 -33.81
CA GLY B 148 27.42 -42.67 -33.78
C GLY B 148 28.86 -43.14 -33.68
N VAL B 149 29.74 -42.25 -33.18
CA VAL B 149 31.17 -42.55 -32.99
C VAL B 149 31.69 -41.99 -31.64
N ASP B 150 32.89 -42.42 -31.23
CA ASP B 150 33.44 -42.08 -29.90
C ASP B 150 34.81 -41.39 -29.97
N ASN B 154 35.43 -46.15 -35.65
CA ASN B 154 35.03 -46.61 -34.34
C ASN B 154 33.50 -46.46 -34.14
N PRO B 155 32.73 -47.37 -34.75
CA PRO B 155 31.27 -47.27 -34.71
C PRO B 155 30.69 -47.80 -33.40
N CYS B 156 29.69 -47.10 -32.87
CA CYS B 156 29.08 -47.45 -31.58
C CYS B 156 27.68 -46.84 -31.46
N LYS B 157 27.01 -47.13 -30.35
CA LYS B 157 25.74 -46.49 -30.01
C LYS B 157 25.99 -45.26 -29.15
N VAL B 158 25.13 -44.24 -29.32
CA VAL B 158 25.21 -43.01 -28.53
C VAL B 158 23.83 -42.58 -28.05
N SER B 159 23.82 -41.70 -27.06
CA SER B 159 22.58 -41.13 -26.51
C SER B 159 22.00 -40.13 -27.50
N LEU B 160 20.68 -40.19 -27.70
CA LEU B 160 19.96 -39.19 -28.50
C LEU B 160 19.95 -37.82 -27.80
N GLU B 161 19.79 -37.83 -26.48
CA GLU B 161 19.80 -36.57 -25.72
C GLU B 161 21.14 -35.84 -25.74
N SER B 162 22.22 -36.53 -25.40
CA SER B 162 23.53 -35.91 -25.15
C SER B 162 24.65 -36.26 -26.13
N GLY B 163 24.46 -37.27 -26.97
CA GLY B 163 25.50 -37.73 -27.89
C GLY B 163 26.65 -38.54 -27.29
N HIS B 164 26.61 -38.83 -25.99
CA HIS B 164 27.65 -39.63 -25.33
C HIS B 164 27.47 -41.12 -25.62
N VAL B 165 28.54 -41.88 -25.45
CA VAL B 165 28.56 -43.31 -25.74
C VAL B 165 27.68 -44.06 -24.74
N VAL B 166 26.87 -45.00 -25.23
CA VAL B 166 26.06 -45.87 -24.37
C VAL B 166 26.55 -47.30 -24.47
N THR B 167 26.37 -48.05 -23.39
CA THR B 167 26.75 -49.45 -23.33
C THR B 167 25.57 -50.26 -22.83
N TRP B 168 25.51 -51.53 -23.25
CA TRP B 168 24.52 -52.47 -22.75
C TRP B 168 25.04 -53.03 -21.45
N VAL B 169 24.27 -52.84 -20.38
CA VAL B 169 24.67 -53.33 -19.07
C VAL B 169 23.72 -54.42 -18.62
N SER B 170 24.26 -55.34 -17.83
CA SER B 170 23.47 -56.27 -17.06
C SER B 170 24.04 -56.21 -15.64
N GLU B 171 23.36 -55.46 -14.77
CA GLU B 171 23.92 -55.07 -13.46
C GLU B 171 22.84 -54.90 -12.40
N GLU B 172 23.16 -55.28 -11.16
CA GLU B 172 22.26 -55.02 -10.03
C GLU B 172 22.21 -53.54 -9.68
N ASN B 173 21.00 -53.03 -9.45
CA ASN B 173 20.76 -51.66 -9.05
C ASN B 173 19.60 -51.58 -8.07
N TYR B 174 19.72 -50.70 -7.09
CA TYR B 174 18.63 -50.42 -6.15
C TYR B 174 17.65 -49.36 -6.66
N MET B 175 16.36 -49.66 -6.53
CA MET B 175 15.26 -48.82 -7.02
C MET B 175 14.35 -48.47 -5.86
N PHE B 176 13.98 -47.19 -5.78
CA PHE B 176 12.94 -46.71 -4.84
C PHE B 176 11.58 -46.73 -5.57
N ARG B 177 10.58 -47.29 -4.91
CA ARG B 177 9.24 -47.48 -5.51
C ARG B 177 8.41 -46.19 -5.50
N LEU B 178 8.91 -45.18 -6.21
CA LEU B 178 8.29 -43.86 -6.25
C LEU B 178 6.86 -43.89 -6.82
N SER B 179 6.60 -44.80 -7.75
CA SER B 179 5.27 -44.96 -8.39
C SER B 179 4.16 -45.22 -7.38
N ALA B 180 4.48 -45.94 -6.31
CA ALA B 180 3.53 -46.22 -5.24
C ALA B 180 3.10 -45.01 -4.41
N PHE B 181 3.73 -43.85 -4.59
CA PHE B 181 3.46 -42.65 -3.78
C PHE B 181 2.68 -41.55 -4.49
N ARG B 182 2.23 -41.81 -5.71
CA ARG B 182 1.51 -40.81 -6.51
C ARG B 182 0.27 -40.26 -5.81
N GLU B 183 -0.62 -41.15 -5.34
CA GLU B 183 -1.87 -40.71 -4.72
C GLU B 183 -1.62 -39.97 -3.40
N ARG B 184 -0.71 -40.48 -2.58
CA ARG B 184 -0.35 -39.80 -1.34
C ARG B 184 0.29 -38.42 -1.56
N LEU B 185 1.10 -38.28 -2.60
CA LEU B 185 1.67 -36.98 -2.95
C LEU B 185 0.59 -35.99 -3.39
N LEU B 186 -0.34 -36.46 -4.23
CA LEU B 186 -1.44 -35.62 -4.68
C LEU B 186 -2.35 -35.18 -3.53
N GLU B 187 -2.61 -36.09 -2.58
CA GLU B 187 -3.38 -35.75 -1.39
C GLU B 187 -2.65 -34.68 -0.53
N TRP B 188 -1.33 -34.79 -0.45
CA TRP B 188 -0.53 -33.79 0.27
C TRP B 188 -0.58 -32.41 -0.40
N TYR B 189 -0.45 -32.37 -1.73
CA TYR B 189 -0.53 -31.10 -2.46
C TYR B 189 -1.91 -30.42 -2.28
N HIS B 190 -2.98 -31.20 -2.42
CA HIS B 190 -4.35 -30.67 -2.32
C HIS B 190 -4.73 -30.26 -0.90
N ALA B 191 -4.31 -31.02 0.10
CA ALA B 191 -4.54 -30.67 1.51
C ALA B 191 -3.74 -29.45 1.99
N ASN B 192 -2.62 -29.15 1.33
CA ASN B 192 -1.73 -28.06 1.74
C ASN B 192 -1.43 -27.17 0.54
N PRO B 193 -2.42 -26.35 0.14
CA PRO B 193 -2.26 -25.56 -1.11
C PRO B 193 -1.23 -24.42 -1.09
N GLY B 194 -0.64 -24.12 0.06
CA GLY B 194 0.49 -23.18 0.13
C GLY B 194 1.86 -23.85 0.26
N CYS B 195 1.95 -25.17 0.08
CA CYS B 195 3.19 -25.90 0.36
C CYS B 195 4.28 -25.69 -0.68
N ILE B 196 3.91 -25.27 -1.90
CA ILE B 196 4.89 -24.92 -2.93
C ILE B 196 4.60 -23.52 -3.43
N VAL B 197 5.64 -22.69 -3.48
CA VAL B 197 5.53 -21.27 -3.83
C VAL B 197 6.64 -20.99 -4.85
N PRO B 198 6.38 -20.19 -5.89
CA PRO B 198 5.09 -19.55 -6.20
C PRO B 198 4.08 -20.51 -6.80
N GLU B 199 2.85 -20.05 -6.93
CA GLU B 199 1.69 -20.88 -7.26
C GLU B 199 1.81 -21.61 -8.61
N PHE B 200 2.35 -20.95 -9.63
CA PHE B 200 2.46 -21.59 -10.94
C PHE B 200 3.45 -22.78 -10.92
N ARG B 201 4.45 -22.73 -10.05
CA ARG B 201 5.37 -23.86 -9.87
C ARG B 201 4.69 -25.01 -9.14
N ARG B 202 3.81 -24.69 -8.19
CA ARG B 202 2.95 -25.70 -7.56
C ARG B 202 2.06 -26.42 -8.58
N ARG B 203 1.51 -25.67 -9.53
CA ARG B 203 0.67 -26.24 -10.59
C ARG B 203 1.48 -27.16 -11.50
N GLU B 204 2.73 -26.79 -11.81
CA GLU B 204 3.64 -27.64 -12.61
C GLU B 204 3.92 -28.99 -11.94
N VAL B 205 4.20 -28.97 -10.64
CA VAL B 205 4.48 -30.17 -9.89
C VAL B 205 3.26 -31.10 -9.88
N ILE B 206 2.08 -30.53 -9.63
CA ILE B 206 0.84 -31.33 -9.56
C ILE B 206 0.53 -31.98 -10.92
N ARG B 207 0.69 -31.24 -12.01
CA ARG B 207 0.48 -31.80 -13.35
C ARG B 207 1.43 -32.98 -13.62
N ALA B 208 2.70 -32.82 -13.29
CA ALA B 208 3.72 -33.87 -13.47
C ALA B 208 3.37 -35.15 -12.72
N VAL B 209 2.93 -35.01 -11.46
CA VAL B 209 2.58 -36.17 -10.64
C VAL B 209 1.28 -36.81 -11.12
N GLU B 210 0.34 -36.00 -11.62
CA GLU B 210 -0.92 -36.52 -12.21
C GLU B 210 -0.64 -37.44 -13.41
N LYS B 211 0.30 -37.04 -14.27
CA LYS B 211 0.70 -37.85 -15.43
C LYS B 211 1.20 -39.27 -15.12
N GLY B 212 1.78 -39.45 -13.93
CA GLY B 212 2.30 -40.75 -13.49
C GLY B 212 3.74 -40.59 -13.07
N LEU B 213 4.19 -41.45 -12.16
CA LEU B 213 5.56 -41.42 -11.67
C LEU B 213 6.25 -42.76 -11.91
N PRO B 214 7.44 -42.74 -12.53
CA PRO B 214 8.23 -43.98 -12.61
C PRO B 214 8.96 -44.23 -11.29
N ASP B 215 9.47 -45.44 -11.10
CA ASP B 215 10.36 -45.72 -9.97
C ASP B 215 11.67 -45.02 -10.18
N LEU B 216 12.46 -44.89 -9.10
CA LEU B 216 13.66 -44.07 -9.10
C LEU B 216 14.87 -44.88 -8.66
N SER B 217 15.91 -44.87 -9.48
CA SER B 217 17.16 -45.57 -9.16
C SER B 217 17.94 -44.75 -8.11
N VAL B 218 18.23 -45.39 -6.96
CA VAL B 218 18.86 -44.72 -5.82
C VAL B 218 20.29 -45.21 -5.53
N SER B 219 20.82 -46.11 -6.36
CA SER B 219 22.24 -46.52 -6.26
C SER B 219 22.96 -46.51 -7.59
N ARG B 220 24.29 -46.54 -7.52
CA ARG B 220 25.15 -46.79 -8.69
C ARG B 220 26.28 -47.73 -8.29
N ALA B 221 26.83 -48.42 -9.27
CA ALA B 221 28.01 -49.28 -9.07
C ALA B 221 29.19 -48.40 -8.64
N ARG B 222 29.97 -48.87 -7.68
CA ARG B 222 31.03 -48.03 -7.06
C ARG B 222 32.08 -47.53 -8.06
N ALA B 223 32.44 -48.34 -9.05
CA ALA B 223 33.41 -47.93 -10.07
C ALA B 223 32.97 -46.70 -10.86
N THR B 224 31.68 -46.61 -11.16
CA THR B 224 31.14 -45.48 -11.95
C THR B 224 31.25 -44.14 -11.18
N LEU B 225 31.29 -44.19 -9.84
CA LEU B 225 31.49 -43.01 -8.99
C LEU B 225 32.93 -42.83 -8.49
N HIS B 226 33.87 -43.61 -9.02
CA HIS B 226 35.26 -43.62 -8.56
C HIS B 226 35.37 -43.80 -7.05
N ASN B 227 34.50 -44.63 -6.52
CA ASN B 227 34.45 -44.90 -5.09
C ASN B 227 34.28 -43.68 -4.19
N TRP B 228 33.74 -42.58 -4.74
CA TRP B 228 33.59 -41.35 -3.99
C TRP B 228 32.10 -41.08 -3.72
N ALA B 229 31.57 -41.87 -2.80
CA ALA B 229 30.16 -41.84 -2.43
C ALA B 229 29.97 -42.68 -1.15
N ILE B 230 28.75 -42.65 -0.62
CA ILE B 230 28.41 -43.43 0.58
C ILE B 230 28.07 -44.86 0.14
N PRO B 231 28.66 -45.88 0.79
CA PRO B 231 28.30 -47.27 0.45
C PRO B 231 26.89 -47.63 0.84
N VAL B 232 26.24 -48.48 0.04
CA VAL B 232 24.94 -49.02 0.40
C VAL B 232 25.13 -49.95 1.62
N PRO B 233 24.33 -49.77 2.69
CA PRO B 233 24.35 -50.72 3.82
C PRO B 233 24.15 -52.17 3.43
N GLY B 234 25.11 -53.01 3.79
CA GLY B 234 25.06 -54.43 3.48
C GLY B 234 25.44 -54.81 2.06
N ASN B 235 25.90 -53.86 1.24
CA ASN B 235 26.30 -54.14 -0.15
C ASN B 235 27.35 -53.15 -0.63
N PRO B 236 28.63 -53.42 -0.30
CA PRO B 236 29.71 -52.51 -0.65
C PRO B 236 30.07 -52.41 -2.14
N ASP B 237 29.51 -53.24 -3.01
CA ASP B 237 29.66 -53.05 -4.45
C ASP B 237 28.88 -51.84 -4.98
N HIS B 238 27.92 -51.33 -4.20
CA HIS B 238 27.06 -50.22 -4.60
C HIS B 238 27.20 -49.03 -3.70
N CYS B 239 26.92 -47.86 -4.29
CA CYS B 239 26.95 -46.60 -3.59
C CYS B 239 25.60 -45.91 -3.67
N VAL B 240 25.30 -45.11 -2.64
CA VAL B 240 24.05 -44.36 -2.57
C VAL B 240 24.17 -43.21 -3.56
N TYR B 241 23.19 -43.10 -4.45
CA TYR B 241 23.27 -42.06 -5.44
C TYR B 241 22.85 -40.65 -4.83
N VAL B 242 22.84 -39.61 -5.66
CA VAL B 242 22.54 -38.25 -5.21
C VAL B 242 21.23 -38.08 -4.40
N TRP B 243 20.21 -38.86 -4.70
CA TRP B 243 18.88 -38.59 -4.20
C TRP B 243 18.85 -38.75 -2.67
N LEU B 244 19.24 -39.92 -2.18
CA LEU B 244 19.22 -40.17 -0.74
C LEU B 244 20.43 -39.58 -0.01
N ASP B 245 21.54 -39.29 -0.69
CA ASP B 245 22.62 -38.58 -0.03
C ASP B 245 22.34 -37.08 0.22
N ALA B 246 22.06 -36.32 -0.85
CA ALA B 246 21.98 -34.86 -0.74
C ALA B 246 20.73 -34.38 0.02
N LEU B 247 19.55 -34.88 -0.35
CA LEU B 247 18.28 -34.46 0.29
C LEU B 247 18.27 -34.74 1.80
N THR B 248 18.91 -35.82 2.19
CA THR B 248 19.01 -36.22 3.59
C THR B 248 19.77 -35.24 4.49
N ASN B 249 20.55 -34.31 3.91
CA ASN B 249 21.23 -33.28 4.70
C ASN B 249 20.26 -32.50 5.62
N TYR B 250 19.03 -32.29 5.16
CA TYR B 250 18.02 -31.58 5.93
C TYR B 250 17.64 -32.34 7.20
N LEU B 251 17.55 -33.66 7.10
CA LEU B 251 17.31 -34.53 8.25
C LEU B 251 18.51 -34.55 9.20
N THR B 252 19.71 -34.76 8.65
CA THR B 252 20.94 -34.70 9.43
C THR B 252 21.07 -33.39 10.19
N GLY B 253 20.95 -32.28 9.48
CA GLY B 253 21.05 -30.94 10.09
C GLY B 253 20.07 -30.72 11.24
N SER B 254 18.88 -31.31 11.12
CA SER B 254 17.85 -31.20 12.16
C SER B 254 18.15 -31.99 13.43
N ARG B 255 19.15 -32.87 13.37
CA ARG B 255 19.52 -33.76 14.47
C ARG B 255 20.91 -33.47 15.06
N LEU B 256 21.56 -32.39 14.63
CA LEU B 256 22.90 -32.05 15.13
C LEU B 256 22.86 -30.99 16.22
N ARG B 257 23.39 -31.32 17.41
CA ARG B 257 23.76 -30.30 18.41
C ARG B 257 25.03 -29.60 17.96
N VAL B 258 25.00 -28.28 17.95
CA VAL B 258 26.10 -27.44 17.44
C VAL B 258 26.60 -26.57 18.60
N ASP B 259 27.92 -26.42 18.71
CA ASP B 259 28.53 -25.56 19.75
C ASP B 259 28.55 -24.08 19.33
N GLU B 260 29.05 -23.21 20.22
CA GLU B 260 29.10 -21.76 19.97
C GLU B 260 30.03 -21.36 18.80
N SER B 261 31.01 -22.20 18.46
CA SER B 261 31.90 -21.96 17.29
C SER B 261 31.41 -22.55 15.95
N GLY B 262 30.25 -23.22 15.96
CA GLY B 262 29.67 -23.79 14.74
C GLY B 262 30.05 -25.22 14.37
N LYS B 263 30.84 -25.88 15.22
CA LYS B 263 31.18 -27.30 15.01
C LYS B 263 30.06 -28.18 15.58
N GLU B 264 29.70 -29.23 14.84
CA GLU B 264 28.75 -30.24 15.35
C GLU B 264 29.43 -31.07 16.45
N VAL B 265 28.72 -31.25 17.56
CA VAL B 265 29.24 -31.96 18.73
C VAL B 265 28.57 -33.32 18.96
N SER B 266 27.37 -33.51 18.41
CA SER B 266 26.57 -34.68 18.72
C SER B 266 25.41 -34.85 17.75
N LEU B 267 25.07 -36.10 17.45
CA LEU B 267 23.93 -36.44 16.63
C LEU B 267 22.90 -37.11 17.53
N VAL B 268 21.74 -36.51 17.69
CA VAL B 268 20.67 -37.10 18.52
C VAL B 268 19.94 -38.17 17.72
N ASP B 269 19.37 -39.13 18.45
CA ASP B 269 18.63 -40.25 17.83
C ASP B 269 17.29 -39.81 17.26
N ASP B 270 16.54 -39.04 18.05
CA ASP B 270 15.18 -38.64 17.74
C ASP B 270 15.17 -37.16 17.34
N PHE B 271 14.71 -36.87 16.11
CA PHE B 271 14.64 -35.49 15.62
C PHE B 271 13.80 -34.57 16.51
N ASN B 272 12.75 -35.10 17.13
CA ASN B 272 11.89 -34.33 18.05
C ASN B 272 12.63 -33.68 19.23
N GLU B 273 13.75 -34.26 19.65
CA GLU B 273 14.58 -33.71 20.72
C GLU B 273 15.02 -32.26 20.47
N LEU B 274 15.36 -31.92 19.23
CA LEU B 274 15.81 -30.56 18.89
C LEU B 274 14.73 -29.68 18.28
N GLU B 275 13.56 -30.24 17.96
CA GLU B 275 12.37 -29.47 17.54
C GLU B 275 12.54 -28.69 16.23
N ARG B 276 13.44 -29.14 15.34
CA ARG B 276 13.66 -28.49 14.05
C ARG B 276 12.88 -29.14 12.92
N PHE B 277 12.98 -30.47 12.81
CA PHE B 277 12.38 -31.18 11.68
C PHE B 277 10.86 -31.23 11.85
N PRO B 278 10.08 -31.04 10.79
CA PRO B 278 10.51 -30.82 9.41
C PRO B 278 10.78 -29.36 9.14
N ALA B 279 11.40 -29.08 8.00
CA ALA B 279 11.71 -27.72 7.62
C ALA B 279 10.42 -26.91 7.46
N ASP B 280 10.46 -25.70 7.98
CA ASP B 280 9.40 -24.75 7.80
C ASP B 280 9.45 -24.15 6.39
N VAL B 281 10.66 -23.88 5.91
CA VAL B 281 10.89 -23.42 4.54
C VAL B 281 12.15 -24.06 3.95
N HIS B 282 12.00 -24.75 2.82
CA HIS B 282 13.13 -25.10 1.96
C HIS B 282 13.23 -24.05 0.87
N VAL B 283 14.33 -23.31 0.84
CA VAL B 283 14.61 -22.37 -0.25
C VAL B 283 15.38 -23.13 -1.34
N ILE B 284 14.90 -23.09 -2.58
CA ILE B 284 15.55 -23.76 -3.70
C ILE B 284 15.46 -22.95 -4.98
N GLY B 285 16.34 -23.26 -5.93
CA GLY B 285 16.18 -22.79 -7.30
C GLY B 285 15.16 -23.63 -8.02
N LYS B 286 14.55 -23.08 -9.06
CA LYS B 286 13.57 -23.77 -9.89
C LYS B 286 14.08 -25.07 -10.54
N ASP B 287 15.38 -25.14 -10.84
CA ASP B 287 15.94 -26.37 -11.47
C ASP B 287 16.00 -27.61 -10.58
N ILE B 288 15.73 -27.49 -9.28
CA ILE B 288 15.72 -28.66 -8.40
C ILE B 288 14.36 -28.90 -7.73
N LEU B 289 13.31 -28.32 -8.32
CA LEU B 289 11.95 -28.39 -7.78
C LEU B 289 11.43 -29.81 -7.66
N LYS B 290 11.60 -30.59 -8.71
CA LYS B 290 11.10 -31.97 -8.72
C LYS B 290 11.71 -32.85 -7.62
N PHE B 291 12.97 -32.58 -7.29
CA PHE B 291 13.68 -33.35 -6.27
C PHE B 291 13.12 -33.07 -4.90
N HIS B 292 12.83 -31.79 -4.64
CA HIS B 292 12.32 -31.34 -3.36
C HIS B 292 10.81 -31.50 -3.18
N ALA B 293 10.05 -31.41 -4.27
CA ALA B 293 8.59 -31.45 -4.21
C ALA B 293 8.00 -32.83 -4.52
N ILE B 294 8.77 -33.72 -5.13
CA ILE B 294 8.31 -35.08 -5.47
C ILE B 294 9.12 -36.13 -4.72
N TYR B 295 10.43 -36.21 -4.98
CA TYR B 295 11.26 -37.29 -4.43
C TYR B 295 11.35 -37.22 -2.90
N TRP B 296 11.74 -36.05 -2.41
CA TRP B 296 11.93 -35.81 -0.97
C TRP B 296 10.68 -36.17 -0.13
N PRO B 297 9.51 -35.61 -0.47
CA PRO B 297 8.34 -36.05 0.30
C PRO B 297 8.01 -37.55 0.19
N ALA B 298 8.26 -38.16 -0.96
CA ALA B 298 8.06 -39.60 -1.12
C ALA B 298 8.95 -40.39 -0.17
N PHE B 299 10.22 -40.01 -0.06
CA PHE B 299 11.15 -40.62 0.90
C PHE B 299 10.66 -40.46 2.34
N LEU B 300 10.17 -39.26 2.67
CA LEU B 300 9.66 -38.97 4.01
C LEU B 300 8.36 -39.72 4.32
N LEU B 301 7.46 -39.83 3.34
CA LEU B 301 6.27 -40.68 3.48
C LEU B 301 6.62 -42.15 3.69
N SER B 302 7.58 -42.66 2.91
CA SER B 302 8.06 -44.03 3.06
C SER B 302 8.57 -44.25 4.48
N ALA B 303 9.39 -43.34 4.97
CA ALA B 303 10.01 -43.48 6.30
C ALA B 303 9.08 -43.14 7.48
N GLY B 304 7.90 -42.59 7.22
CA GLY B 304 6.96 -42.19 8.26
C GLY B 304 7.42 -40.93 8.99
N LEU B 305 8.09 -40.04 8.27
CA LEU B 305 8.59 -38.78 8.83
C LEU B 305 7.68 -37.63 8.39
N PRO B 306 7.62 -36.55 9.18
CA PRO B 306 6.78 -35.42 8.78
C PRO B 306 7.31 -34.68 7.56
N LEU B 307 6.40 -34.10 6.79
CA LEU B 307 6.73 -33.42 5.53
C LEU B 307 7.00 -31.94 5.77
N PRO B 308 7.81 -31.31 4.90
CA PRO B 308 8.08 -29.88 5.06
C PRO B 308 6.83 -29.03 4.88
N LYS B 309 6.82 -27.85 5.48
CA LYS B 309 5.66 -26.97 5.41
C LYS B 309 5.60 -26.20 4.08
N LYS B 310 6.75 -25.68 3.64
CA LYS B 310 6.83 -24.89 2.41
C LYS B 310 8.13 -25.16 1.66
N ILE B 311 8.01 -25.20 0.34
CA ILE B 311 9.14 -25.20 -0.55
C ILE B 311 9.00 -23.93 -1.40
N VAL B 312 9.98 -23.05 -1.35
CA VAL B 312 9.96 -21.83 -2.15
C VAL B 312 11.05 -21.91 -3.23
N ALA B 313 10.62 -21.79 -4.49
CA ALA B 313 11.48 -21.99 -5.66
C ALA B 313 11.63 -20.68 -6.42
N HIS B 314 12.84 -20.14 -6.42
CA HIS B 314 13.14 -18.85 -7.06
C HIS B 314 13.67 -19.04 -8.50
N GLY B 315 13.91 -17.92 -9.19
CA GLY B 315 14.43 -17.85 -10.56
C GLY B 315 15.93 -17.61 -10.72
N TRP B 316 16.46 -17.61 -11.95
CA TRP B 316 17.85 -17.21 -12.25
C TRP B 316 18.08 -15.73 -12.53
N TRP B 317 19.34 -15.30 -12.43
CA TRP B 317 19.79 -13.94 -12.75
C TRP B 317 20.51 -13.84 -14.10
N THR B 318 20.16 -12.82 -14.88
CA THR B 318 20.99 -12.35 -16.00
C THR B 318 21.76 -11.12 -15.52
N LYS B 319 22.72 -10.66 -16.33
CA LYS B 319 23.36 -9.35 -16.13
C LYS B 319 23.45 -8.62 -17.47
N ASP B 320 22.92 -7.40 -17.50
CA ASP B 320 22.79 -6.61 -18.73
C ASP B 320 22.00 -7.37 -19.81
N ARG B 321 20.91 -8.00 -19.37
CA ARG B 321 20.00 -8.79 -20.21
C ARG B 321 20.64 -9.97 -21.00
N LYS B 322 21.80 -10.43 -20.56
CA LYS B 322 22.54 -11.52 -21.19
C LYS B 322 22.95 -12.53 -20.12
N LYS B 323 23.21 -13.78 -20.55
CA LYS B 323 23.56 -14.86 -19.63
C LYS B 323 24.87 -14.59 -18.89
N ILE B 324 24.90 -14.88 -17.59
CA ILE B 324 26.10 -14.70 -16.76
C ILE B 324 27.03 -15.89 -17.03
N SER B 325 28.30 -15.59 -17.32
CA SER B 325 29.28 -16.59 -17.70
C SER B 325 30.68 -15.95 -17.79
N LYS B 326 31.68 -16.61 -17.20
CA LYS B 326 33.08 -16.13 -17.29
C LYS B 326 33.67 -16.32 -18.69
N SER B 327 33.25 -17.38 -19.39
CA SER B 327 33.73 -17.68 -20.75
C SER B 327 33.15 -16.74 -21.82
N LEU B 328 31.85 -16.42 -21.71
CA LEU B 328 31.18 -15.47 -22.61
C LEU B 328 31.49 -13.99 -22.29
N GLY B 329 32.18 -13.72 -21.17
CA GLY B 329 32.62 -12.37 -20.82
C GLY B 329 31.53 -11.51 -20.21
N ASN B 330 30.74 -12.09 -19.31
CA ASN B 330 29.66 -11.40 -18.60
C ASN B 330 29.63 -11.83 -17.12
N VAL B 331 30.58 -11.31 -16.34
CA VAL B 331 30.75 -11.66 -14.93
C VAL B 331 29.84 -10.80 -14.03
N PHE B 332 29.29 -11.43 -12.99
CA PHE B 332 28.59 -10.72 -11.90
C PHE B 332 29.13 -11.26 -10.57
N ASP B 333 30.21 -10.64 -10.08
CA ASP B 333 30.82 -11.02 -8.81
C ASP B 333 30.11 -10.28 -7.66
N PRO B 334 29.40 -11.03 -6.79
CA PRO B 334 28.65 -10.36 -5.71
C PRO B 334 29.52 -9.63 -4.69
N VAL B 335 30.69 -10.17 -4.36
CA VAL B 335 31.59 -9.53 -3.39
C VAL B 335 32.18 -8.23 -3.98
N GLU B 336 32.48 -8.23 -5.27
CA GLU B 336 32.98 -7.04 -5.96
C GLU B 336 31.94 -5.91 -5.91
N LYS B 337 30.71 -6.23 -6.29
CA LYS B 337 29.61 -5.25 -6.31
C LYS B 337 29.26 -4.74 -4.91
N ALA B 338 29.35 -5.63 -3.93
CA ALA B 338 29.12 -5.26 -2.53
C ALA B 338 30.18 -4.30 -1.99
N GLU B 339 31.44 -4.52 -2.37
CA GLU B 339 32.54 -3.59 -2.04
C GLU B 339 32.35 -2.22 -2.74
N GLU B 340 31.82 -2.24 -3.95
CA GLU B 340 31.54 -1.03 -4.70
C GLU B 340 30.35 -0.25 -4.14
N PHE B 341 29.20 -0.93 -3.98
CA PHE B 341 27.92 -0.28 -3.63
C PHE B 341 27.47 -0.41 -2.17
N GLY B 342 28.05 -1.34 -1.42
CA GLY B 342 27.59 -1.66 -0.06
C GLY B 342 26.96 -3.04 0.01
N TYR B 343 27.19 -3.74 1.11
CA TYR B 343 26.65 -5.09 1.30
C TYR B 343 25.13 -5.09 1.49
N ASP B 344 24.64 -4.28 2.44
CA ASP B 344 23.20 -4.17 2.68
C ASP B 344 22.47 -3.65 1.44
N ALA B 345 23.06 -2.69 0.74
CA ALA B 345 22.48 -2.15 -0.49
C ALA B 345 22.35 -3.19 -1.61
N LEU B 346 23.37 -4.03 -1.76
CA LEU B 346 23.32 -5.13 -2.75
C LEU B 346 22.24 -6.15 -2.38
N LYS B 347 22.20 -6.54 -1.12
CA LYS B 347 21.18 -7.47 -0.62
C LYS B 347 19.77 -6.94 -0.86
N TYR B 348 19.58 -5.65 -0.56
CA TYR B 348 18.34 -4.95 -0.83
C TYR B 348 17.96 -5.03 -2.29
N PHE B 349 18.91 -4.72 -3.16
CA PHE B 349 18.66 -4.74 -4.59
C PHE B 349 18.24 -6.11 -5.11
N LEU B 350 18.99 -7.15 -4.74
CA LEU B 350 18.70 -8.50 -5.19
C LEU B 350 17.31 -8.96 -4.75
N LEU B 351 16.92 -8.58 -3.53
CA LEU B 351 15.60 -8.94 -3.01
C LEU B 351 14.47 -8.04 -3.53
N ARG B 352 14.75 -6.77 -3.77
CA ARG B 352 13.74 -5.83 -4.29
C ARG B 352 13.48 -6.00 -5.78
N GLU B 353 14.54 -6.23 -6.55
CA GLU B 353 14.44 -6.21 -8.02
C GLU B 353 13.56 -7.31 -8.63
N SER B 354 13.66 -8.53 -8.11
CA SER B 354 12.91 -9.67 -8.66
C SER B 354 12.05 -10.35 -7.62
N GLY B 355 10.85 -10.74 -8.02
CA GLY B 355 10.07 -11.72 -7.28
C GLY B 355 10.59 -13.13 -7.55
N PHE B 356 10.05 -14.11 -6.83
CA PHE B 356 10.49 -15.49 -7.00
C PHE B 356 9.98 -16.12 -8.28
N SER B 357 8.90 -15.59 -8.84
CA SER B 357 8.37 -15.99 -10.15
C SER B 357 9.24 -15.53 -11.33
N ASP B 358 10.07 -14.50 -11.10
CA ASP B 358 10.81 -13.82 -12.16
C ASP B 358 12.26 -14.30 -12.22
N ASP B 359 12.79 -14.32 -13.43
CA ASP B 359 14.24 -14.28 -13.65
C ASP B 359 14.76 -12.83 -13.58
N GLY B 360 15.30 -12.46 -12.44
CA GLY B 360 15.88 -11.14 -12.19
C GLY B 360 17.02 -10.72 -13.12
N ASP B 361 17.16 -9.40 -13.32
CA ASP B 361 18.23 -8.78 -14.11
C ASP B 361 19.02 -7.68 -13.36
N TYR B 362 20.32 -7.88 -13.19
CA TYR B 362 21.19 -6.84 -12.64
C TYR B 362 21.73 -5.91 -13.75
N SER B 363 21.72 -4.61 -13.48
CA SER B 363 22.61 -3.64 -14.15
C SER B 363 23.08 -2.60 -13.14
N ASP B 364 24.23 -1.99 -13.39
CA ASP B 364 24.70 -0.88 -12.56
C ASP B 364 23.75 0.32 -12.57
N LYS B 365 23.08 0.54 -13.69
CA LYS B 365 22.13 1.64 -13.83
C LYS B 365 20.95 1.49 -12.87
N ASN B 366 20.33 0.32 -12.88
N ASN B 366 20.30 0.33 -12.88
CA ASN B 366 19.18 0.04 -12.02
CA ASN B 366 19.15 0.11 -11.99
C ASN B 366 19.56 -0.05 -10.54
C ASN B 366 19.53 -0.08 -10.52
N MET B 367 20.73 -0.62 -10.26
CA MET B 367 21.29 -0.63 -8.91
C MET B 367 21.44 0.76 -8.31
N ILE B 368 21.97 1.69 -9.10
CA ILE B 368 22.14 3.08 -8.68
C ILE B 368 20.79 3.79 -8.52
N ALA B 369 19.86 3.53 -9.43
CA ALA B 369 18.51 4.11 -9.33
C ALA B 369 17.83 3.74 -8.00
N ARG B 370 17.88 2.46 -7.64
CA ARG B 370 17.27 1.99 -6.41
C ARG B 370 18.02 2.43 -5.15
N LEU B 371 19.35 2.43 -5.22
CA LEU B 371 20.19 2.97 -4.14
C LEU B 371 19.90 4.45 -3.88
N ASN B 372 19.90 5.26 -4.93
CA ASN B 372 19.64 6.70 -4.81
C ASN B 372 18.17 7.00 -4.45
N GLY B 373 17.25 6.40 -5.18
CA GLY B 373 15.83 6.70 -5.04
C GLY B 373 15.20 6.20 -3.75
N GLU B 374 15.46 4.94 -3.41
CA GLU B 374 14.77 4.29 -2.30
C GLU B 374 15.61 4.36 -1.03
N LEU B 375 16.88 3.95 -1.10
CA LEU B 375 17.71 3.90 0.12
C LEU B 375 18.17 5.27 0.62
N ALA B 376 18.70 6.09 -0.29
CA ALA B 376 19.17 7.43 0.07
C ALA B 376 18.01 8.44 0.22
N ASP B 377 17.19 8.59 -0.82
CA ASP B 377 16.14 9.63 -0.83
C ASP B 377 14.92 9.33 0.05
N THR B 378 14.49 8.08 0.11
CA THR B 378 13.29 7.74 0.88
C THR B 378 13.67 7.44 2.32
N LEU B 379 14.51 6.42 2.52
CA LEU B 379 14.85 5.98 3.87
C LEU B 379 15.86 6.91 4.55
N GLY B 380 17.00 7.13 3.90
CA GLY B 380 18.09 7.91 4.46
C GLY B 380 17.73 9.34 4.84
N ASN B 381 17.20 10.09 3.88
CA ASN B 381 16.67 11.45 4.08
C ASN B 381 15.75 11.57 5.30
N LEU B 382 14.86 10.60 5.45
CA LEU B 382 13.90 10.56 6.54
C LEU B 382 14.55 10.35 7.91
N VAL B 383 15.59 9.52 7.95
CA VAL B 383 16.33 9.29 9.19
C VAL B 383 17.08 10.55 9.62
N MET B 384 17.67 11.26 8.65
CA MET B 384 18.40 12.50 8.95
C MET B 384 17.47 13.62 9.44
N ARG B 385 16.32 13.80 8.79
CA ARG B 385 15.32 14.81 9.18
C ARG B 385 14.85 14.70 10.63
N CYS B 386 14.42 13.51 11.04
CA CYS B 386 13.85 13.33 12.39
C CYS B 386 14.91 13.28 13.51
N THR B 387 16.19 13.15 13.13
CA THR B 387 17.30 13.20 14.09
C THR B 387 18.16 14.47 14.01
N SER B 388 17.90 15.33 13.03
CA SER B 388 18.70 16.56 12.86
C SER B 388 18.53 17.53 14.03
N ALA B 389 19.60 18.23 14.34
CA ALA B 389 19.61 19.24 15.42
C ALA B 389 18.70 20.44 15.12
N LYS B 390 18.52 20.76 13.83
CA LYS B 390 17.63 21.85 13.40
C LYS B 390 16.16 21.57 13.77
N ILE B 391 15.71 20.34 13.57
CA ILE B 391 14.31 19.95 13.77
C ILE B 391 14.09 19.37 15.18
N ASN B 392 14.89 18.37 15.52
CA ASN B 392 14.84 17.73 16.83
C ASN B 392 15.84 18.43 17.76
N VAL B 393 15.45 19.59 18.27
CA VAL B 393 16.38 20.47 19.00
C VAL B 393 16.80 19.90 20.36
N ASN B 394 15.92 19.18 21.04
CA ASN B 394 16.25 18.55 22.32
C ASN B 394 17.01 17.21 22.23
N GLY B 395 17.17 16.67 21.02
CA GLY B 395 17.85 15.38 20.83
C GLY B 395 17.19 14.22 21.57
N GLU B 396 15.87 14.17 21.52
CA GLU B 396 15.11 13.13 22.20
C GLU B 396 13.78 12.80 21.50
N TRP B 397 13.13 11.74 21.97
CA TRP B 397 11.77 11.38 21.55
C TRP B 397 10.79 12.24 22.33
N PRO B 398 10.06 13.14 21.64
CA PRO B 398 9.14 14.01 22.36
C PRO B 398 7.84 13.31 22.69
N SER B 399 7.11 13.87 23.66
CA SER B 399 5.79 13.38 24.02
C SER B 399 4.77 14.05 23.08
N PRO B 400 3.91 13.26 22.43
CA PRO B 400 2.99 13.89 21.47
C PRO B 400 1.84 14.63 22.13
N ALA B 401 1.39 15.73 21.51
CA ALA B 401 0.12 16.39 21.84
C ALA B 401 -1.01 15.68 21.10
N ALA B 402 -2.19 16.30 21.04
CA ALA B 402 -3.36 15.65 20.41
C ALA B 402 -3.17 15.38 18.92
N TYR B 403 -3.73 14.26 18.46
CA TYR B 403 -3.59 13.85 17.06
C TYR B 403 -4.73 14.41 16.20
N THR B 404 -4.36 14.94 15.04
CA THR B 404 -5.33 15.29 14.00
C THR B 404 -5.76 14.03 13.24
N GLU B 405 -6.72 14.17 12.33
CA GLU B 405 -7.13 13.05 11.47
C GLU B 405 -6.02 12.62 10.51
N GLU B 406 -5.23 13.58 10.01
CA GLU B 406 -4.10 13.26 9.15
C GLU B 406 -3.02 12.46 9.91
N ASP B 407 -2.75 12.86 11.16
CA ASP B 407 -1.88 12.10 12.05
C ASP B 407 -2.37 10.68 12.21
N GLU B 408 -3.66 10.53 12.52
CA GLU B 408 -4.27 9.22 12.73
C GLU B 408 -4.21 8.34 11.47
N SER B 409 -4.31 8.95 10.29
CA SER B 409 -4.21 8.20 9.04
C SER B 409 -2.81 7.60 8.86
N LEU B 410 -1.77 8.34 9.21
CA LEU B 410 -0.40 7.82 9.17
C LEU B 410 -0.14 6.78 10.26
N ILE B 411 -0.62 7.05 11.47
CA ILE B 411 -0.52 6.11 12.59
C ILE B 411 -1.15 4.76 12.24
N GLN B 412 -2.28 4.79 11.54
CA GLN B 412 -2.95 3.57 11.12
C GLN B 412 -2.10 2.75 10.15
N LEU B 413 -1.44 3.42 9.21
CA LEU B 413 -0.54 2.73 8.29
C LEU B 413 0.61 2.04 9.03
N ILE B 414 1.17 2.74 10.02
CA ILE B 414 2.28 2.22 10.80
C ILE B 414 1.81 1.03 11.66
N LYS B 415 0.63 1.14 12.25
CA LYS B 415 0.05 0.04 13.02
C LYS B 415 -0.28 -1.20 12.19
N ASP B 416 -0.76 -0.99 10.96
CA ASP B 416 -1.12 -2.10 10.07
C ASP B 416 0.10 -2.79 9.45
N LEU B 417 1.23 -2.08 9.37
CA LEU B 417 2.39 -2.59 8.63
C LEU B 417 2.95 -3.92 9.14
N PRO B 418 3.14 -4.08 10.47
CA PRO B 418 3.69 -5.36 10.94
C PRO B 418 2.86 -6.58 10.55
N GLY B 419 1.55 -6.49 10.69
CA GLY B 419 0.67 -7.57 10.25
C GLY B 419 0.80 -7.89 8.76
N THR B 420 0.82 -6.85 7.95
CA THR B 420 0.95 -6.97 6.50
C THR B 420 2.29 -7.59 6.11
N ALA B 421 3.37 -7.03 6.64
CA ALA B 421 4.71 -7.49 6.34
C ALA B 421 4.94 -8.92 6.83
N ASP B 422 4.40 -9.25 8.00
CA ASP B 422 4.46 -10.60 8.54
C ASP B 422 3.87 -11.62 7.58
N HIS B 423 2.68 -11.36 7.06
CA HIS B 423 2.07 -12.27 6.08
C HIS B 423 2.95 -12.46 4.83
N TYR B 424 3.53 -11.37 4.33
CA TYR B 424 4.39 -11.47 3.16
C TYR B 424 5.65 -12.28 3.45
N TYR B 425 6.29 -12.04 4.59
CA TYR B 425 7.46 -12.81 5.00
C TYR B 425 7.18 -14.29 5.16
N LEU B 426 5.96 -14.64 5.58
CA LEU B 426 5.54 -16.03 5.77
C LEU B 426 5.13 -16.76 4.49
N ILE B 427 4.85 -16.06 3.39
CA ILE B 427 4.48 -16.72 2.14
C ILE B 427 5.52 -17.78 1.69
N PRO B 428 6.80 -17.47 1.56
CA PRO B 428 7.43 -16.15 1.73
C PRO B 428 7.49 -15.37 0.42
N ASP B 429 7.34 -14.06 0.50
CA ASP B 429 7.49 -13.15 -0.64
C ASP B 429 8.18 -11.88 -0.11
N ILE B 430 9.50 -11.89 -0.21
CA ILE B 430 10.33 -10.86 0.40
C ILE B 430 10.20 -9.55 -0.38
N GLN B 431 10.03 -9.64 -1.70
CA GLN B 431 9.82 -8.46 -2.54
C GLN B 431 8.59 -7.66 -2.08
N LYS B 432 7.47 -8.34 -1.86
CA LYS B 432 6.26 -7.66 -1.40
C LYS B 432 6.38 -7.09 0.02
N ALA B 433 7.11 -7.79 0.90
CA ALA B 433 7.37 -7.27 2.24
C ALA B 433 8.14 -5.96 2.15
N ILE B 434 9.17 -5.91 1.30
CA ILE B 434 9.96 -4.70 1.11
C ILE B 434 9.09 -3.56 0.57
N ILE B 435 8.30 -3.86 -0.46
CA ILE B 435 7.44 -2.87 -1.10
C ILE B 435 6.45 -2.30 -0.09
N ALA B 436 5.86 -3.15 0.74
CA ALA B 436 4.93 -2.71 1.78
C ALA B 436 5.58 -1.76 2.79
N VAL B 437 6.83 -2.04 3.19
CA VAL B 437 7.52 -1.16 4.11
C VAL B 437 7.81 0.18 3.45
N PHE B 438 8.30 0.17 2.21
CA PHE B 438 8.57 1.41 1.48
C PHE B 438 7.33 2.24 1.13
N ASP B 439 6.18 1.60 0.95
CA ASP B 439 4.91 2.34 0.83
C ASP B 439 4.63 3.16 2.09
N VAL B 440 4.93 2.61 3.25
CA VAL B 440 4.77 3.34 4.51
C VAL B 440 5.85 4.42 4.64
N LEU B 441 7.07 4.12 4.21
CA LEU B 441 8.13 5.14 4.23
C LEU B 441 7.80 6.34 3.33
N ARG B 442 7.28 6.08 2.14
CA ARG B 442 6.83 7.15 1.25
C ARG B 442 5.71 7.98 1.92
N ALA B 443 4.77 7.31 2.59
CA ALA B 443 3.68 8.00 3.30
C ALA B 443 4.20 8.90 4.43
N ILE B 444 5.21 8.43 5.16
CA ILE B 444 5.83 9.24 6.22
C ILE B 444 6.53 10.45 5.62
N ASN B 445 7.25 10.26 4.50
CA ASN B 445 7.87 11.37 3.78
C ASN B 445 6.86 12.44 3.33
N ALA B 446 5.76 12.01 2.74
CA ALA B 446 4.68 12.90 2.33
C ALA B 446 4.11 13.70 3.51
N TYR B 447 3.92 13.03 4.63
CA TYR B 447 3.45 13.64 5.86
C TYR B 447 4.42 14.71 6.39
N VAL B 448 5.70 14.38 6.39
CA VAL B 448 6.74 15.32 6.84
C VAL B 448 6.77 16.56 5.94
N THR B 449 6.67 16.37 4.63
CA THR B 449 6.59 17.47 3.66
C THR B 449 5.37 18.36 3.90
N ASP B 450 4.22 17.72 4.07
CA ASP B 450 2.98 18.37 4.45
C ASP B 450 3.07 19.23 5.72
N MET B 451 3.62 18.64 6.77
CA MET B 451 3.68 19.29 8.07
C MET B 451 4.82 20.31 8.21
N ALA B 452 5.85 20.18 7.38
CA ALA B 452 6.99 21.11 7.36
C ALA B 452 7.55 21.40 8.78
N PRO B 453 8.04 20.36 9.47
CA PRO B 453 8.47 20.53 10.87
C PRO B 453 9.61 21.54 11.10
N TRP B 454 10.41 21.79 10.07
CA TRP B 454 11.43 22.86 10.09
C TRP B 454 10.84 24.27 10.33
N LYS B 455 9.66 24.54 9.79
CA LYS B 455 8.92 25.78 10.11
C LYS B 455 8.33 25.77 11.53
N LEU B 456 7.87 24.60 11.98
CA LEU B 456 7.20 24.45 13.28
C LEU B 456 8.08 24.66 14.51
N VAL B 457 9.40 24.65 14.36
CA VAL B 457 10.30 24.88 15.52
C VAL B 457 10.05 26.29 16.11
N LYS B 458 9.89 27.29 15.23
CA LYS B 458 9.53 28.65 15.65
C LYS B 458 8.03 28.81 15.91
N THR B 459 7.21 28.38 14.95
CA THR B 459 5.79 28.75 14.92
C THR B 459 4.88 28.00 15.90
N ASP B 460 5.11 26.69 16.09
CA ASP B 460 4.22 25.85 16.91
C ASP B 460 4.97 24.66 17.52
N PRO B 461 5.74 24.89 18.60
CA PRO B 461 6.47 23.82 19.30
C PRO B 461 5.63 22.62 19.76
N GLU B 462 4.41 22.88 20.24
CA GLU B 462 3.51 21.80 20.66
C GLU B 462 3.15 20.87 19.49
N ARG B 463 2.90 21.44 18.32
CA ARG B 463 2.57 20.66 17.12
C ARG B 463 3.75 19.85 16.62
N LEU B 464 4.95 20.42 16.68
CA LEU B 464 6.17 19.72 16.29
C LEU B 464 6.40 18.45 17.09
N ARG B 465 6.11 18.49 18.40
CA ARG B 465 6.24 17.31 19.26
C ARG B 465 5.45 16.13 18.70
N THR B 466 4.22 16.39 18.28
CA THR B 466 3.34 15.36 17.71
C THR B 466 3.90 14.83 16.39
N VAL B 467 4.31 15.74 15.52
CA VAL B 467 4.80 15.39 14.18
C VAL B 467 6.09 14.59 14.26
N LEU B 468 6.98 15.04 15.13
CA LEU B 468 8.28 14.42 15.33
C LEU B 468 8.15 13.04 15.96
N TYR B 469 7.28 12.91 16.95
CA TYR B 469 7.05 11.62 17.60
C TYR B 469 6.55 10.55 16.62
N ILE B 470 5.56 10.92 15.81
CA ILE B 470 5.00 10.02 14.79
C ILE B 470 6.06 9.62 13.76
N THR B 471 6.89 10.57 13.34
CA THR B 471 7.95 10.30 12.38
C THR B 471 8.98 9.33 12.95
N LEU B 472 9.44 9.61 14.16
CA LEU B 472 10.39 8.73 14.85
C LEU B 472 9.85 7.30 14.96
N GLU B 473 8.59 7.19 15.36
CA GLU B 473 7.98 5.88 15.55
C GLU B 473 7.75 5.14 14.24
N GLY B 474 7.40 5.86 13.17
CA GLY B 474 7.29 5.27 11.84
C GLY B 474 8.63 4.76 11.33
N VAL B 475 9.69 5.53 11.57
CA VAL B 475 11.03 5.13 11.18
C VAL B 475 11.47 3.90 11.97
N ARG B 476 11.15 3.84 13.26
CA ARG B 476 11.52 2.70 14.10
C ARG B 476 10.87 1.40 13.61
N VAL B 477 9.55 1.45 13.40
CA VAL B 477 8.79 0.27 13.01
C VAL B 477 9.19 -0.22 11.61
N THR B 478 9.36 0.69 10.65
CA THR B 478 9.80 0.33 9.31
C THR B 478 11.22 -0.26 9.33
N THR B 479 12.10 0.34 10.15
CA THR B 479 13.47 -0.12 10.27
C THR B 479 13.54 -1.51 10.88
N LEU B 480 12.71 -1.77 11.88
CA LEU B 480 12.60 -3.09 12.49
C LEU B 480 12.21 -4.15 11.46
N LEU B 481 11.21 -3.85 10.63
CA LEU B 481 10.77 -4.79 9.59
C LEU B 481 11.72 -4.92 8.40
N LEU B 482 12.59 -3.92 8.18
CA LEU B 482 13.66 -4.01 7.18
C LEU B 482 14.97 -4.57 7.72
N SER B 483 15.07 -4.80 9.02
CA SER B 483 16.33 -5.28 9.61
C SER B 483 16.79 -6.66 9.11
N PRO B 484 15.86 -7.55 8.70
CA PRO B 484 16.31 -8.77 8.04
C PRO B 484 16.97 -8.55 6.67
N ILE B 485 16.60 -7.47 5.99
CA ILE B 485 17.10 -7.11 4.67
C ILE B 485 18.38 -6.26 4.75
N LEU B 486 18.40 -5.32 5.71
CA LEU B 486 19.50 -4.38 5.90
C LEU B 486 20.00 -4.50 7.34
N PRO B 487 20.63 -5.64 7.68
CA PRO B 487 20.95 -5.89 9.08
C PRO B 487 21.97 -4.93 9.71
N ARG B 488 23.00 -4.54 8.96
CA ARG B 488 24.01 -3.60 9.47
C ARG B 488 23.48 -2.17 9.53
N LYS B 489 22.83 -1.72 8.45
CA LYS B 489 22.26 -0.36 8.41
C LYS B 489 21.14 -0.14 9.42
N SER B 490 20.37 -1.18 9.72
CA SER B 490 19.34 -1.08 10.74
C SER B 490 19.92 -0.79 12.13
N VAL B 491 21.09 -1.34 12.42
CA VAL B 491 21.77 -1.09 13.70
C VAL B 491 22.20 0.38 13.78
N VAL B 492 22.75 0.91 12.68
CA VAL B 492 23.13 2.31 12.61
C VAL B 492 21.91 3.22 12.86
N ILE B 493 20.79 2.90 12.19
CA ILE B 493 19.56 3.68 12.33
C ILE B 493 19.05 3.64 13.78
N PHE B 494 18.99 2.45 14.38
CA PHE B 494 18.55 2.33 15.76
C PHE B 494 19.47 3.07 16.75
N ASP B 495 20.76 3.09 16.48
CA ASP B 495 21.72 3.84 17.30
C ASP B 495 21.45 5.34 17.20
N MET B 496 21.26 5.86 15.98
CA MET B 496 20.91 7.27 15.77
C MET B 496 19.63 7.66 16.52
N LEU B 497 18.61 6.81 16.43
CA LEU B 497 17.34 7.01 17.14
C LEU B 497 17.44 6.80 18.65
N GLY B 498 18.51 6.15 19.10
CA GLY B 498 18.70 5.85 20.52
C GLY B 498 17.75 4.78 21.02
N VAL B 499 17.41 3.83 20.16
CA VAL B 499 16.48 2.74 20.53
C VAL B 499 17.27 1.75 21.38
N PRO B 500 16.82 1.49 22.63
CA PRO B 500 17.50 0.47 23.45
C PRO B 500 17.49 -0.90 22.79
N GLU B 501 18.52 -1.70 23.07
CA GLU B 501 18.68 -3.05 22.52
C GLU B 501 17.45 -3.94 22.70
N VAL B 502 16.85 -3.90 23.88
CA VAL B 502 15.66 -4.71 24.17
C VAL B 502 14.51 -4.43 23.18
N HIS B 503 14.39 -3.19 22.70
CA HIS B 503 13.35 -2.82 21.74
C HIS B 503 13.68 -3.12 20.26
N ARG B 504 14.83 -3.71 19.97
CA ARG B 504 15.25 -4.01 18.59
C ARG B 504 14.83 -5.38 18.10
N LYS B 505 14.18 -6.17 18.95
CA LYS B 505 13.59 -7.42 18.51
C LYS B 505 12.42 -7.81 19.41
N GLY B 506 11.68 -8.81 18.98
CA GLY B 506 10.52 -9.30 19.70
C GLY B 506 9.24 -8.73 19.14
N ILE B 507 8.26 -9.60 18.93
CA ILE B 507 6.95 -9.23 18.40
C ILE B 507 6.22 -8.13 19.22
N GLU B 508 6.49 -8.10 20.53
CA GLU B 508 6.00 -7.03 21.42
C GLU B 508 6.44 -5.60 20.94
N ASN B 509 7.60 -5.48 20.30
CA ASN B 509 8.07 -4.20 19.73
C ASN B 509 7.62 -3.85 18.31
N PHE B 510 6.79 -4.70 17.71
CA PHE B 510 6.11 -4.37 16.44
C PHE B 510 4.99 -3.36 16.69
N GLU B 511 4.47 -3.31 17.92
CA GLU B 511 3.40 -2.38 18.27
C GLU B 511 3.85 -0.92 18.28
N PHE B 512 2.95 -0.05 17.81
CA PHE B 512 3.15 1.39 17.84
C PHE B 512 3.24 1.86 19.30
N GLY B 513 4.25 2.66 19.59
CA GLY B 513 4.44 3.27 20.92
C GLY B 513 5.35 2.52 21.89
N ALA B 514 6.20 1.62 21.39
CA ALA B 514 7.03 0.78 22.26
C ALA B 514 8.24 1.50 22.87
N VAL B 515 8.73 2.56 22.21
CA VAL B 515 9.82 3.38 22.75
C VAL B 515 9.21 4.62 23.42
N PRO B 516 9.40 4.77 24.74
CA PRO B 516 8.72 5.87 25.45
C PRO B 516 9.29 7.26 25.13
N PRO B 517 8.44 8.30 25.22
CA PRO B 517 8.94 9.68 25.17
C PRO B 517 9.96 9.95 26.28
N GLY B 518 10.99 10.74 25.96
CA GLY B 518 12.10 11.00 26.88
C GLY B 518 13.37 10.28 26.49
N THR B 519 13.25 9.20 25.72
CA THR B 519 14.41 8.45 25.20
C THR B 519 15.34 9.38 24.44
N ARG B 520 16.61 9.41 24.84
CA ARG B 520 17.59 10.31 24.21
C ARG B 520 18.09 9.68 22.91
N LEU B 521 18.26 10.50 21.88
CA LEU B 521 18.87 10.05 20.62
C LEU B 521 20.34 9.72 20.85
N GLY B 522 20.90 8.91 19.96
CA GLY B 522 22.32 8.59 20.01
C GLY B 522 23.14 9.75 19.47
N PRO B 523 24.44 9.76 19.75
CA PRO B 523 25.29 10.88 19.33
C PRO B 523 25.47 10.94 17.81
N ALA B 524 25.69 12.14 17.29
CA ALA B 524 25.98 12.35 15.87
C ALA B 524 27.50 12.40 15.66
N VAL B 525 27.92 12.17 14.41
CA VAL B 525 29.30 12.41 13.99
C VAL B 525 29.27 13.25 12.71
N GLU B 526 30.15 14.24 12.61
CA GLU B 526 30.06 15.30 11.59
C GLU B 526 30.21 14.81 10.16
N GLY B 527 29.26 15.20 9.30
CA GLY B 527 29.26 14.81 7.88
C GLY B 527 28.99 13.35 7.60
N GLU B 528 28.28 12.67 8.51
CA GLU B 528 28.00 11.23 8.37
C GLU B 528 26.88 10.97 7.37
N VAL B 529 26.97 9.84 6.67
CA VAL B 529 25.97 9.43 5.67
C VAL B 529 25.59 7.97 5.88
N LEU B 530 24.30 7.69 5.74
CA LEU B 530 23.74 6.35 5.92
C LEU B 530 23.85 5.58 4.61
N PHE B 531 23.36 6.20 3.53
CA PHE B 531 23.59 5.73 2.17
C PHE B 531 24.01 6.93 1.32
N SER B 532 25.22 6.88 0.77
CA SER B 532 25.72 7.95 -0.08
C SER B 532 25.31 7.70 -1.54
N LYS B 533 24.77 8.73 -2.18
CA LYS B 533 24.35 8.64 -3.58
C LYS B 533 25.56 8.51 -4.52
N ARG B 534 25.32 8.01 -5.73
CA ARG B 534 26.37 7.86 -6.75
C ARG B 534 25.94 8.42 -8.11
N SER B 535 26.92 8.62 -9.00
CA SER B 535 26.71 9.30 -10.28
C SER B 535 25.92 8.44 -11.29
N THR B 536 25.02 9.09 -12.02
CA THR B 536 24.11 8.42 -12.97
C THR B 536 24.75 8.12 -14.33
#